data_7P4F
#
_entry.id   7P4F
#
_cell.length_a   131.243
_cell.length_b   222.428
_cell.length_c   86.206
_cell.angle_alpha   90.000
_cell.angle_beta   90.000
_cell.angle_gamma   90.000
#
_symmetry.space_group_name_H-M   'C 2 2 2'
#
loop_
_entity.id
_entity.type
_entity.pdbx_description
1 polymer 'Amine oxidase [flavin-containing] B'
2 non-polymer 'FLAVIN-ADENINE DINUCLEOTIDE'
3 non-polymer 4-(hydroxymethyl)-7-[[4-[[methyl-(phenylmethyl)amino]methyl]phenyl]methoxy]chromen-2-one
4 non-polymer N-DODECYL-N,N-DIMETHYL-3-AMMONIO-1-PROPANESULFONATE
5 water water
#
_entity_poly.entity_id   1
_entity_poly.type   'polypeptide(L)'
_entity_poly.pdbx_seq_one_letter_code
;MSNKCDVVVVGGGISGMAAAKLLHDSGLNVVVLEARDRVGGRTYTLRNQKVKYVDLGGSYVGPTQNRILRLAKELGLETY
KVNEVERLIHHVKGKSYPFRGPFPPVWNPITYLDHNNFWRTMDDMGREIPSDAPWKAPLAEEWDNMTMKELLDKLCWTES
AKQLATLFVNLCVTAETHEVSALWFLWYVKQCGGTTRIISTTNGGQERKFVGGSGQVSERIMDLLGDRVKLERPVIYIDQ
TRENVLVETLNHEMYEAKYVISAIPPTLGMKIHFNPPLPMMRNQMITRVPLGSVIKCIVYYKEPFWRKKDYCGTMIIDGE
EAPVAYTLDDTKPEGNYAAIMGFILAHKARKLARLTKEERLKKLCELYAKVLGSLEALEPVHYEEKNWCEEQYSGGCYTT
YFPPGILTQYGRVLRQPVDRIYFAGTETATHWSGYMEGAVEAGERAAREILHAMGKIPEDEIWQSEPESVDVPAQPITTT
FLERHLPSVPGLLRLIGLTTIFSATALGFLAHKRGLLVRV
;
_entity_poly.pdbx_strand_id   A,B
#
# COMPACT_ATOMS: atom_id res chain seq x y z
N ASN A 3 -7.71 14.19 31.23
CA ASN A 3 -9.12 13.74 31.06
C ASN A 3 -9.86 14.70 30.12
N LYS A 4 -10.23 15.91 30.56
CA LYS A 4 -11.12 16.79 29.74
C LYS A 4 -10.33 17.96 29.15
N CYS A 5 -10.63 18.32 27.90
CA CYS A 5 -10.02 19.46 27.20
C CYS A 5 -10.86 19.82 25.98
N ASP A 6 -10.45 20.88 25.26
CA ASP A 6 -11.14 21.29 24.07
C ASP A 6 -10.73 20.44 22.86
N VAL A 7 -9.42 20.17 22.73
CA VAL A 7 -8.86 19.50 21.54
C VAL A 7 -7.74 18.54 21.96
N VAL A 8 -7.85 17.29 21.54
CA VAL A 8 -6.79 16.35 21.65
C VAL A 8 -6.05 16.30 20.31
N VAL A 9 -4.73 16.50 20.37
CA VAL A 9 -3.84 16.33 19.23
C VAL A 9 -3.12 14.98 19.36
N VAL A 10 -3.31 14.12 18.36
CA VAL A 10 -2.63 12.86 18.27
C VAL A 10 -1.37 13.02 17.43
N GLY A 11 -0.21 12.88 18.07
CA GLY A 11 1.07 13.08 17.41
C GLY A 11 1.77 14.35 17.87
N GLY A 12 3.01 14.21 18.31
CA GLY A 12 3.80 15.31 18.78
C GLY A 12 5.00 15.53 17.89
N GLY A 13 4.81 15.27 16.58
CA GLY A 13 5.70 15.79 15.55
C GLY A 13 5.49 17.28 15.37
N ILE A 14 6.15 17.86 14.37
CA ILE A 14 6.07 19.27 14.10
C ILE A 14 4.63 19.65 13.80
N SER A 15 3.91 18.83 13.01
CA SER A 15 2.52 19.14 12.65
C SER A 15 1.63 19.26 13.89
N GLY A 16 1.63 18.22 14.68
CA GLY A 16 0.90 18.21 15.91
C GLY A 16 1.29 19.36 16.83
N MET A 17 2.59 19.63 16.97
CA MET A 17 3.01 20.64 17.93
C MET A 17 2.64 22.03 17.40
N ALA A 18 2.69 22.24 16.08
CA ALA A 18 2.29 23.52 15.47
C ALA A 18 0.80 23.74 15.66
N ALA A 19 0.01 22.67 15.49
CA ALA A 19 -1.42 22.72 15.69
C ALA A 19 -1.72 23.11 17.14
N ALA A 20 -1.10 22.38 18.07
CA ALA A 20 -1.39 22.54 19.46
C ALA A 20 -0.99 23.95 19.91
N LYS A 21 0.12 24.46 19.37
CA LYS A 21 0.60 25.76 19.74
C LYS A 21 -0.39 26.84 19.28
N LEU A 22 -0.91 26.71 18.06
CA LEU A 22 -1.84 27.72 17.53
C LEU A 22 -3.10 27.73 18.40
N LEU A 23 -3.58 26.53 18.78
CA LEU A 23 -4.84 26.38 19.52
C LEU A 23 -4.69 26.95 20.93
N HIS A 24 -3.51 26.73 21.53
CA HIS A 24 -3.19 27.20 22.86
C HIS A 24 -3.10 28.73 22.86
N ASP A 25 -2.42 29.30 21.86
CA ASP A 25 -2.23 30.77 21.76
C ASP A 25 -3.56 31.50 21.55
N SER A 26 -4.57 30.81 21.03
CA SER A 26 -5.87 31.39 20.78
C SER A 26 -6.84 31.07 21.93
N GLY A 27 -6.35 30.59 23.08
CA GLY A 27 -7.18 30.45 24.28
C GLY A 27 -7.70 29.04 24.58
N LEU A 28 -7.60 28.08 23.65
CA LEU A 28 -8.18 26.75 23.93
C LEU A 28 -7.26 25.91 24.82
N ASN A 29 -7.89 24.94 25.47
CA ASN A 29 -7.29 23.94 26.29
C ASN A 29 -6.98 22.70 25.42
N VAL A 30 -5.69 22.41 25.21
CA VAL A 30 -5.23 21.33 24.36
C VAL A 30 -4.39 20.33 25.14
N VAL A 31 -4.47 19.10 24.67
CA VAL A 31 -3.60 18.02 25.06
C VAL A 31 -2.98 17.42 23.80
N VAL A 32 -1.68 17.11 23.87
CA VAL A 32 -0.97 16.40 22.82
C VAL A 32 -0.66 15.00 23.36
N LEU A 33 -1.11 13.97 22.63
CA LEU A 33 -0.78 12.60 23.02
C LEU A 33 0.24 12.06 22.02
N GLU A 34 1.44 11.78 22.54
CA GLU A 34 2.58 11.33 21.77
C GLU A 34 2.91 9.88 22.14
N ALA A 35 3.09 9.03 21.13
CA ALA A 35 3.35 7.60 21.30
C ALA A 35 4.71 7.36 21.95
N ARG A 36 5.72 8.12 21.55
CA ARG A 36 7.10 7.91 21.96
C ARG A 36 7.42 8.63 23.29
N ASP A 37 8.64 8.38 23.81
CA ASP A 37 9.19 9.04 25.02
C ASP A 37 9.86 10.37 24.66
N ARG A 38 9.52 10.92 23.48
CA ARG A 38 10.07 12.19 23.01
C ARG A 38 9.09 12.77 21.98
N VAL A 39 9.21 14.08 21.74
CA VAL A 39 8.50 14.75 20.66
C VAL A 39 9.44 14.83 19.46
N GLY A 40 8.93 15.25 18.29
CA GLY A 40 9.72 15.48 17.09
C GLY A 40 9.40 14.52 15.94
N GLY A 41 8.98 13.29 16.25
CA GLY A 41 8.59 12.28 15.26
C GLY A 41 9.74 11.93 14.31
N ARG A 42 9.57 12.33 13.05
CA ARG A 42 10.52 12.11 11.97
C ARG A 42 11.65 13.15 11.96
N THR A 43 11.60 14.13 12.85
CA THR A 43 12.78 14.90 13.20
C THR A 43 13.31 14.34 14.54
N TYR A 44 14.62 14.19 14.64
CA TYR A 44 15.26 13.64 15.83
C TYR A 44 16.69 14.16 15.87
N THR A 45 17.00 14.94 16.90
CA THR A 45 18.33 15.47 17.11
C THR A 45 18.98 14.70 18.25
N LEU A 46 20.09 14.02 17.94
CA LEU A 46 20.90 13.28 18.92
C LEU A 46 21.98 14.24 19.43
N ARG A 47 22.16 14.28 20.76
CA ARG A 47 23.27 15.02 21.42
C ARG A 47 24.13 14.03 22.19
N ASN A 48 25.46 14.16 22.02
CA ASN A 48 26.52 13.42 22.73
C ASN A 48 27.82 14.22 22.50
N GLN A 49 28.88 13.85 23.19
CA GLN A 49 30.10 14.62 23.14
C GLN A 49 30.83 14.43 21.80
N LYS A 50 30.66 13.28 21.12
CA LYS A 50 31.37 13.07 19.86
C LYS A 50 30.79 13.92 18.72
N VAL A 51 29.48 14.23 18.73
CA VAL A 51 28.81 14.91 17.58
C VAL A 51 28.37 16.35 17.93
N LYS A 52 28.37 16.65 19.23
CA LYS A 52 27.66 17.75 19.86
C LYS A 52 26.14 17.62 19.65
N TYR A 53 25.69 17.76 18.40
CA TYR A 53 24.32 17.51 18.02
C TYR A 53 24.30 17.06 16.55
N VAL A 54 23.30 16.27 16.18
CA VAL A 54 23.13 15.82 14.81
C VAL A 54 21.66 15.45 14.58
N ASP A 55 21.17 15.87 13.42
CA ASP A 55 19.88 15.56 12.91
C ASP A 55 19.93 14.17 12.25
N LEU A 56 19.19 13.21 12.81
CA LEU A 56 19.12 11.84 12.21
C LEU A 56 17.87 11.67 11.34
N GLY A 57 16.90 12.59 11.47
CA GLY A 57 15.74 12.67 10.56
C GLY A 57 15.71 14.00 9.81
N GLY A 58 14.51 14.60 9.71
CA GLY A 58 14.35 15.85 8.97
C GLY A 58 15.28 16.93 9.46
N SER A 59 15.88 17.67 8.52
CA SER A 59 17.02 18.55 8.83
C SER A 59 17.00 19.89 8.06
N TYR A 60 16.85 19.84 6.73
CA TYR A 60 17.13 20.95 5.88
C TYR A 60 15.86 21.78 5.68
N VAL A 61 16.05 23.10 5.68
CA VAL A 61 15.02 24.00 5.27
C VAL A 61 15.61 24.92 4.19
N GLY A 62 14.75 25.57 3.44
CA GLY A 62 15.20 26.44 2.36
C GLY A 62 14.21 27.53 1.98
N PRO A 63 14.60 28.37 0.98
CA PRO A 63 13.71 29.37 0.42
C PRO A 63 12.36 28.78 -0.02
N THR A 64 11.31 29.57 0.23
CA THR A 64 9.87 29.34 0.01
C THR A 64 9.23 28.55 1.16
N GLN A 65 10.02 28.08 2.12
CA GLN A 65 9.49 27.39 3.26
C GLN A 65 9.29 28.39 4.40
N ASN A 66 8.40 29.35 4.18
CA ASN A 66 8.31 30.53 5.07
C ASN A 66 7.67 30.19 6.42
N ARG A 67 6.81 29.16 6.50
CA ARG A 67 6.08 28.82 7.74
C ARG A 67 7.04 28.17 8.76
N ILE A 68 7.81 27.17 8.36
CA ILE A 68 8.78 26.56 9.29
C ILE A 68 9.81 27.62 9.69
N LEU A 69 10.20 28.50 8.77
CA LEU A 69 11.17 29.57 9.11
C LEU A 69 10.58 30.53 10.16
N ARG A 70 9.31 30.89 9.99
CA ARG A 70 8.64 31.79 10.94
C ARG A 70 8.50 31.08 12.30
N LEU A 71 8.11 29.81 12.30
CA LEU A 71 7.89 29.11 13.57
C LEU A 71 9.22 29.01 14.32
N ALA A 72 10.24 28.55 13.59
CA ALA A 72 11.56 28.37 14.13
C ALA A 72 12.09 29.72 14.70
N LYS A 73 11.88 30.80 13.94
CA LYS A 73 12.37 32.10 14.35
C LYS A 73 11.66 32.60 15.63
N GLU A 74 10.35 32.47 15.71
CA GLU A 74 9.60 32.85 16.91
C GLU A 74 10.01 32.05 18.16
N LEU A 75 10.45 30.78 17.96
CA LEU A 75 10.92 29.95 19.03
C LEU A 75 12.37 30.29 19.42
N GLY A 76 13.04 31.21 18.71
CA GLY A 76 14.39 31.64 19.07
C GLY A 76 15.49 30.83 18.41
N LEU A 77 15.18 30.11 17.31
CA LEU A 77 16.17 29.36 16.51
C LEU A 77 16.76 30.22 15.37
N GLU A 78 17.91 29.76 14.88
CA GLU A 78 18.64 30.41 13.80
C GLU A 78 19.10 29.33 12.83
N THR A 79 19.33 29.74 11.57
CA THR A 79 19.77 28.87 10.52
C THR A 79 21.21 29.19 10.18
N TYR A 80 21.84 28.25 9.47
CA TYR A 80 23.12 28.46 8.78
C TYR A 80 23.05 27.73 7.44
N LYS A 81 23.94 28.13 6.51
CA LYS A 81 23.95 27.60 5.16
C LYS A 81 24.77 26.30 5.11
N VAL A 82 24.20 25.28 4.45
CA VAL A 82 24.94 24.07 4.09
C VAL A 82 26.10 24.48 3.16
N ASN A 83 27.27 23.87 3.34
CA ASN A 83 28.45 24.13 2.52
C ASN A 83 28.23 23.72 1.06
N GLU A 84 28.25 24.71 0.16
CA GLU A 84 28.23 24.48 -1.28
C GLU A 84 29.25 25.41 -1.96
N VAL A 85 30.32 25.79 -1.25
CA VAL A 85 31.31 26.69 -1.79
C VAL A 85 32.12 26.00 -2.91
N GLU A 86 32.55 24.75 -2.72
CA GLU A 86 33.41 24.07 -3.71
C GLU A 86 32.56 23.22 -4.66
N ARG A 87 33.18 22.29 -5.38
CA ARG A 87 32.52 21.60 -6.47
C ARG A 87 31.68 20.44 -5.94
N LEU A 88 30.57 20.18 -6.65
CA LEU A 88 29.79 18.97 -6.49
C LEU A 88 30.45 17.86 -7.29
N ILE A 89 30.09 16.61 -7.02
CA ILE A 89 30.58 15.43 -7.74
C ILE A 89 29.39 14.63 -8.21
N HIS A 90 29.42 14.26 -9.50
CA HIS A 90 28.56 13.22 -10.05
C HIS A 90 29.41 11.96 -10.27
N HIS A 91 29.09 10.88 -9.57
CA HIS A 91 29.81 9.65 -9.76
C HIS A 91 28.91 8.69 -10.55
N VAL A 92 29.39 8.24 -11.72
CA VAL A 92 28.63 7.34 -12.59
C VAL A 92 29.62 6.42 -13.35
N LYS A 93 29.28 5.12 -13.39
CA LYS A 93 30.13 4.04 -13.98
C LYS A 93 31.55 4.10 -13.40
N GLY A 94 31.65 4.20 -12.07
CA GLY A 94 32.90 4.14 -11.33
C GLY A 94 33.82 5.35 -11.46
N LYS A 95 33.38 6.46 -12.08
CA LYS A 95 34.23 7.66 -12.23
C LYS A 95 33.52 8.91 -11.69
N SER A 96 34.30 9.85 -11.21
CA SER A 96 33.81 11.06 -10.61
C SER A 96 34.03 12.24 -11.56
N TYR A 97 32.96 13.06 -11.71
CA TYR A 97 32.91 14.21 -12.61
C TYR A 97 32.48 15.43 -11.80
N PRO A 98 33.43 16.28 -11.38
CA PRO A 98 33.09 17.48 -10.61
C PRO A 98 32.31 18.46 -11.50
N PHE A 99 31.45 19.26 -10.88
CA PHE A 99 30.68 20.24 -11.56
C PHE A 99 30.24 21.31 -10.58
N ARG A 100 29.65 22.38 -11.14
CA ARG A 100 29.03 23.47 -10.39
C ARG A 100 27.59 23.63 -10.92
N GLY A 101 26.73 24.20 -10.07
CA GLY A 101 25.32 24.38 -10.38
C GLY A 101 24.51 23.20 -9.87
N PRO A 102 23.17 23.23 -10.01
CA PRO A 102 22.33 22.27 -9.31
C PRO A 102 22.36 20.82 -9.83
N PHE A 103 22.62 20.62 -11.12
CA PHE A 103 22.65 19.26 -11.69
C PHE A 103 23.87 19.07 -12.59
N PRO A 104 24.35 17.81 -12.75
CA PRO A 104 25.55 17.54 -13.53
C PRO A 104 25.31 17.87 -15.00
N PRO A 105 26.11 18.79 -15.58
CA PRO A 105 25.91 19.20 -16.97
C PRO A 105 26.28 18.04 -17.91
N VAL A 106 25.64 18.03 -19.07
CA VAL A 106 25.70 16.94 -20.03
C VAL A 106 26.34 17.51 -21.30
N TRP A 107 27.44 16.91 -21.75
CA TRP A 107 28.18 17.48 -22.87
C TRP A 107 27.77 16.84 -24.21
N ASN A 108 27.54 15.53 -24.22
CA ASN A 108 27.09 14.86 -25.44
C ASN A 108 25.79 15.50 -25.88
N PRO A 109 25.74 16.23 -27.03
CA PRO A 109 24.55 16.99 -27.45
C PRO A 109 23.19 16.27 -27.51
N ILE A 110 23.16 15.04 -28.00
CA ILE A 110 21.95 14.25 -28.08
C ILE A 110 21.44 14.00 -26.66
N THR A 111 22.36 13.51 -25.81
CA THR A 111 22.07 13.33 -24.42
C THR A 111 21.62 14.65 -23.78
N TYR A 112 22.24 15.79 -24.15
CA TYR A 112 21.85 17.07 -23.61
C TYR A 112 20.35 17.32 -23.89
N LEU A 113 19.91 17.05 -25.13
CA LEU A 113 18.51 17.33 -25.57
C LEU A 113 17.55 16.45 -24.78
N ASP A 114 17.93 15.19 -24.61
CA ASP A 114 17.12 14.24 -23.92
C ASP A 114 17.00 14.62 -22.43
N HIS A 115 18.14 14.96 -21.82
CA HIS A 115 18.19 15.34 -20.45
C HIS A 115 17.34 16.61 -20.22
N ASN A 116 17.61 17.65 -21.02
CA ASN A 116 16.93 18.93 -20.91
C ASN A 116 15.41 18.72 -21.00
N ASN A 117 14.99 17.90 -21.95
CA ASN A 117 13.61 17.64 -22.24
C ASN A 117 12.94 16.89 -21.07
N PHE A 118 13.66 15.95 -20.48
CA PHE A 118 13.14 15.25 -19.35
C PHE A 118 12.71 16.23 -18.23
N TRP A 119 13.60 17.08 -17.71
CA TRP A 119 13.15 17.84 -16.54
C TRP A 119 12.17 18.97 -16.95
N ARG A 120 12.28 19.44 -18.19
CA ARG A 120 11.37 20.42 -18.75
C ARG A 120 9.97 19.80 -18.78
N THR A 121 9.86 18.56 -19.25
CA THR A 121 8.58 17.86 -19.32
C THR A 121 8.04 17.59 -17.91
N MET A 122 8.91 17.20 -16.94
CA MET A 122 8.45 17.07 -15.53
C MET A 122 7.72 18.37 -15.11
N ASP A 123 8.37 19.51 -15.33
CA ASP A 123 7.82 20.78 -14.90
C ASP A 123 6.60 21.14 -15.75
N ASP A 124 6.60 20.80 -17.04
CA ASP A 124 5.43 21.08 -17.94
C ASP A 124 4.17 20.33 -17.45
N MET A 125 4.35 19.03 -17.20
CA MET A 125 3.26 18.19 -16.73
C MET A 125 2.77 18.70 -15.37
N GLY A 126 3.72 19.11 -14.52
CA GLY A 126 3.43 19.61 -13.19
C GLY A 126 2.47 20.80 -13.19
N ARG A 127 2.61 21.68 -14.18
CA ARG A 127 1.74 22.89 -14.31
C ARG A 127 0.29 22.51 -14.62
N GLU A 128 0.06 21.30 -15.14
CA GLU A 128 -1.29 20.80 -15.40
C GLU A 128 -2.00 20.36 -14.10
N ILE A 129 -1.27 20.24 -12.99
CA ILE A 129 -1.71 19.53 -11.80
C ILE A 129 -1.99 20.54 -10.69
N PRO A 130 -3.25 20.74 -10.26
CA PRO A 130 -3.53 21.63 -9.12
C PRO A 130 -2.90 21.09 -7.82
N SER A 131 -2.26 21.98 -7.06
CA SER A 131 -1.56 21.66 -5.82
C SER A 131 -2.53 21.06 -4.79
N ASP A 132 -3.74 21.60 -4.74
CA ASP A 132 -4.71 21.25 -3.73
C ASP A 132 -5.62 20.13 -4.22
N ALA A 133 -5.43 19.65 -5.45
CA ALA A 133 -6.37 18.66 -6.02
C ALA A 133 -5.72 17.96 -7.21
N PRO A 134 -4.64 17.19 -6.99
CA PRO A 134 -3.92 16.56 -8.11
C PRO A 134 -4.84 15.73 -9.02
N TRP A 135 -5.89 15.13 -8.43
CA TRP A 135 -6.80 14.27 -9.15
C TRP A 135 -7.65 15.08 -10.15
N LYS A 136 -7.51 16.42 -10.18
CA LYS A 136 -8.26 17.27 -11.14
C LYS A 136 -7.46 17.59 -12.40
N ALA A 137 -6.17 17.22 -12.46
CA ALA A 137 -5.37 17.37 -13.69
C ALA A 137 -6.16 16.78 -14.86
N PRO A 138 -6.20 17.42 -16.05
CA PRO A 138 -6.95 16.86 -17.18
C PRO A 138 -6.66 15.39 -17.52
N LEU A 139 -5.41 14.93 -17.38
CA LEU A 139 -5.06 13.55 -17.68
C LEU A 139 -4.74 12.79 -16.40
N ALA A 140 -5.38 13.17 -15.29
CA ALA A 140 -5.10 12.59 -14.01
C ALA A 140 -5.07 11.06 -14.11
N GLU A 141 -6.10 10.49 -14.72
CA GLU A 141 -6.32 9.06 -14.73
C GLU A 141 -5.17 8.36 -15.46
N GLU A 142 -4.87 8.80 -16.68
CA GLU A 142 -3.78 8.24 -17.52
C GLU A 142 -2.43 8.29 -16.77
N TRP A 143 -2.14 9.41 -16.08
CA TRP A 143 -0.85 9.58 -15.40
C TRP A 143 -0.79 8.75 -14.13
N ASP A 144 -1.93 8.60 -13.46
CA ASP A 144 -1.97 7.86 -12.20
C ASP A 144 -1.92 6.34 -12.45
N ASN A 145 -2.26 5.88 -13.66
CA ASN A 145 -2.34 4.45 -13.97
C ASN A 145 -0.98 3.98 -14.53
N MET A 146 0.04 4.79 -14.30
CA MET A 146 1.37 4.66 -14.80
C MET A 146 2.33 4.80 -13.62
N THR A 147 3.38 3.97 -13.56
CA THR A 147 4.49 4.19 -12.62
C THR A 147 5.44 5.24 -13.20
N MET A 148 6.31 5.78 -12.35
CA MET A 148 7.32 6.67 -12.82
C MET A 148 8.29 5.91 -13.73
N LYS A 149 8.44 4.59 -13.55
CA LYS A 149 9.34 3.83 -14.41
C LYS A 149 8.83 3.81 -15.85
N GLU A 150 7.53 3.56 -16.03
CA GLU A 150 6.88 3.60 -17.33
C GLU A 150 6.97 4.99 -17.95
N LEU A 151 6.78 6.07 -17.16
CA LEU A 151 6.88 7.41 -17.69
C LEU A 151 8.30 7.67 -18.23
N LEU A 152 9.33 7.31 -17.46
CA LEU A 152 10.73 7.53 -17.87
C LEU A 152 11.13 6.66 -19.08
N ASP A 153 10.62 5.42 -19.18
CA ASP A 153 10.83 4.55 -20.36
C ASP A 153 10.23 5.20 -21.64
N LYS A 154 9.14 5.96 -21.53
CA LYS A 154 8.54 6.66 -22.70
C LYS A 154 9.26 7.97 -23.04
N LEU A 155 9.90 8.60 -22.07
CA LEU A 155 10.30 9.99 -22.16
C LEU A 155 11.79 10.12 -22.48
N CYS A 156 12.60 9.20 -21.97
CA CYS A 156 14.05 9.23 -22.08
C CYS A 156 14.49 8.36 -23.26
N TRP A 157 15.08 9.00 -24.27
CA TRP A 157 15.58 8.32 -25.49
C TRP A 157 17.07 7.99 -25.30
N THR A 158 17.63 8.30 -24.12
CA THR A 158 19.00 7.93 -23.76
C THR A 158 19.00 7.28 -22.38
N GLU A 159 19.89 6.31 -22.20
CA GLU A 159 20.01 5.58 -20.98
C GLU A 159 20.57 6.53 -19.90
N SER A 160 21.43 7.45 -20.31
CA SER A 160 22.09 8.35 -19.39
C SER A 160 21.07 9.28 -18.72
N ALA A 161 20.13 9.83 -19.51
CA ALA A 161 19.05 10.63 -18.94
C ALA A 161 18.16 9.76 -18.05
N LYS A 162 17.86 8.54 -18.51
CA LYS A 162 17.01 7.69 -17.73
C LYS A 162 17.63 7.40 -16.35
N GLN A 163 18.94 7.22 -16.29
CA GLN A 163 19.63 6.86 -15.06
C GLN A 163 19.63 8.06 -14.09
N LEU A 164 19.78 9.28 -14.62
CA LEU A 164 19.72 10.52 -13.83
C LEU A 164 18.30 10.73 -13.27
N ALA A 165 17.31 10.53 -14.13
CA ALA A 165 15.88 10.67 -13.74
C ALA A 165 15.53 9.66 -12.65
N THR A 166 16.02 8.42 -12.77
CA THR A 166 15.79 7.38 -11.79
C THR A 166 16.37 7.81 -10.43
N LEU A 167 17.61 8.26 -10.43
CA LEU A 167 18.24 8.70 -9.23
C LEU A 167 17.48 9.89 -8.61
N PHE A 168 16.98 10.81 -9.44
CA PHE A 168 16.18 11.97 -8.99
C PHE A 168 14.96 11.47 -8.18
N VAL A 169 14.23 10.51 -8.72
CA VAL A 169 13.04 9.97 -8.05
C VAL A 169 13.44 9.29 -6.72
N ASN A 170 14.51 8.49 -6.74
CA ASN A 170 14.92 7.76 -5.55
C ASN A 170 15.26 8.74 -4.41
N LEU A 171 15.94 9.85 -4.74
CA LEU A 171 16.41 10.85 -3.79
C LEU A 171 15.24 11.66 -3.23
N CYS A 172 14.29 12.01 -4.08
CA CYS A 172 13.19 12.86 -3.69
C CYS A 172 12.19 12.12 -2.80
N VAL A 173 11.93 10.83 -3.03
CA VAL A 173 10.79 10.15 -2.39
C VAL A 173 11.19 8.79 -1.82
N THR A 174 12.48 8.49 -1.74
CA THR A 174 13.03 7.27 -1.12
C THR A 174 12.23 6.02 -1.54
N ALA A 175 11.95 5.93 -2.84
CA ALA A 175 11.29 4.79 -3.39
C ALA A 175 11.79 4.55 -4.83
N GLU A 176 11.52 3.35 -5.33
CA GLU A 176 11.90 2.97 -6.69
C GLU A 176 10.91 3.59 -7.67
N THR A 177 11.34 3.75 -8.92
CA THR A 177 10.51 4.36 -9.98
C THR A 177 9.28 3.49 -10.27
N HIS A 178 9.46 2.16 -10.17
CA HIS A 178 8.37 1.21 -10.42
C HIS A 178 7.35 1.18 -9.27
N GLU A 179 7.67 1.78 -8.12
CA GLU A 179 6.78 1.70 -6.95
C GLU A 179 5.74 2.83 -6.96
N VAL A 180 6.08 3.97 -7.58
CA VAL A 180 5.34 5.19 -7.39
C VAL A 180 4.53 5.57 -8.64
N SER A 181 3.31 6.07 -8.41
CA SER A 181 2.45 6.72 -9.40
C SER A 181 3.15 7.91 -10.06
N ALA A 182 3.00 8.03 -11.39
CA ALA A 182 3.54 9.15 -12.15
C ALA A 182 2.79 10.43 -11.74
N LEU A 183 1.47 10.35 -11.64
CA LEU A 183 0.68 11.51 -11.26
C LEU A 183 1.11 12.01 -9.88
N TRP A 184 1.26 11.07 -8.93
CA TRP A 184 1.65 11.47 -7.60
C TRP A 184 3.05 12.15 -7.61
N PHE A 185 4.02 11.53 -8.27
CA PHE A 185 5.35 12.05 -8.23
C PHE A 185 5.41 13.45 -8.88
N LEU A 186 4.70 13.64 -10.01
CA LEU A 186 4.70 14.93 -10.70
C LEU A 186 4.04 15.99 -9.81
N TRP A 187 2.98 15.62 -9.08
CA TRP A 187 2.35 16.50 -8.10
C TRP A 187 3.36 16.89 -7.03
N TYR A 188 4.04 15.87 -6.48
CA TYR A 188 4.94 16.05 -5.35
C TYR A 188 6.04 17.08 -5.70
N VAL A 189 6.58 16.96 -6.91
CA VAL A 189 7.60 17.83 -7.34
C VAL A 189 7.01 19.23 -7.53
N LYS A 190 5.85 19.31 -8.17
CA LYS A 190 5.28 20.61 -8.50
C LYS A 190 4.93 21.37 -7.22
N GLN A 191 4.41 20.69 -6.20
CA GLN A 191 3.95 21.36 -4.95
C GLN A 191 5.15 21.79 -4.11
N CYS A 192 6.36 21.33 -4.43
CA CYS A 192 7.58 21.88 -3.85
C CYS A 192 8.13 23.07 -4.64
N GLY A 193 7.52 23.46 -5.77
CA GLY A 193 8.06 24.57 -6.62
C GLY A 193 8.87 24.12 -7.85
N GLY A 194 8.91 22.80 -8.14
CA GLY A 194 9.49 22.26 -9.38
C GLY A 194 10.85 21.61 -9.17
N THR A 195 11.42 21.07 -10.27
CA THR A 195 12.60 20.26 -10.22
C THR A 195 13.77 21.04 -9.62
N THR A 196 13.97 22.27 -10.07
CA THR A 196 15.15 23.03 -9.63
C THR A 196 15.08 23.30 -8.12
N ARG A 197 13.96 23.82 -7.65
CA ARG A 197 13.78 24.11 -6.27
C ARG A 197 14.00 22.84 -5.44
N ILE A 198 13.42 21.72 -5.86
CA ILE A 198 13.45 20.53 -4.98
C ILE A 198 14.87 19.98 -4.90
N ILE A 199 15.64 19.97 -5.99
CA ILE A 199 16.96 19.33 -5.96
C ILE A 199 18.05 20.26 -5.40
N SER A 200 17.81 21.55 -5.27
CA SER A 200 18.93 22.49 -5.11
C SER A 200 19.33 22.62 -3.63
N THR A 201 20.62 22.90 -3.42
CA THR A 201 21.11 23.29 -2.13
C THR A 201 20.97 24.80 -2.05
N THR A 202 21.89 25.54 -2.69
CA THR A 202 21.71 26.99 -2.92
C THR A 202 20.39 27.23 -3.65
N ASN A 203 19.57 28.10 -3.02
CA ASN A 203 18.25 28.51 -3.54
C ASN A 203 17.23 27.35 -3.59
N GLY A 204 17.40 26.29 -2.79
CA GLY A 204 16.47 25.16 -2.83
C GLY A 204 16.25 24.58 -1.44
N GLY A 205 15.67 23.36 -1.44
CA GLY A 205 15.23 22.66 -0.23
C GLY A 205 16.33 22.41 0.79
N GLN A 206 17.57 22.18 0.31
CA GLN A 206 18.66 21.77 1.19
C GLN A 206 19.61 22.93 1.56
N GLU A 207 19.16 24.19 1.46
CA GLU A 207 20.06 25.35 1.60
C GLU A 207 20.56 25.50 3.03
N ARG A 208 19.68 25.28 4.01
CA ARG A 208 19.97 25.61 5.39
C ARG A 208 19.59 24.49 6.37
N LYS A 209 20.19 24.58 7.58
CA LYS A 209 19.92 23.78 8.75
C LYS A 209 19.77 24.69 9.96
N PHE A 210 19.11 24.18 11.00
CA PHE A 210 18.99 24.88 12.26
C PHE A 210 20.26 24.68 13.10
N VAL A 211 20.79 25.79 13.63
CA VAL A 211 21.79 25.75 14.71
C VAL A 211 21.17 25.00 15.89
N GLY A 212 21.76 23.85 16.19
CA GLY A 212 21.38 23.06 17.34
C GLY A 212 20.48 21.90 16.98
N GLY A 213 19.99 21.85 15.73
CA GLY A 213 19.13 20.76 15.26
C GLY A 213 17.64 21.11 15.19
N SER A 214 16.94 20.41 14.30
CA SER A 214 15.56 20.67 13.97
C SER A 214 14.64 20.14 15.09
N GLY A 215 15.12 19.17 15.84
CA GLY A 215 14.45 18.65 17.03
C GLY A 215 14.03 19.72 18.03
N GLN A 216 14.71 20.88 18.03
CA GLN A 216 14.40 21.99 18.98
C GLN A 216 13.02 22.60 18.69
N VAL A 217 12.52 22.46 17.46
CA VAL A 217 11.22 23.06 17.12
C VAL A 217 10.16 22.41 18.01
N SER A 218 10.09 21.07 17.96
CA SER A 218 9.18 20.30 18.73
C SER A 218 9.46 20.47 20.23
N GLU A 219 10.74 20.41 20.62
CA GLU A 219 11.12 20.49 22.07
C GLU A 219 10.71 21.85 22.67
N ARG A 220 10.90 22.94 21.91
CA ARG A 220 10.57 24.31 22.40
C ARG A 220 9.05 24.53 22.48
N ILE A 221 8.27 23.98 21.53
CA ILE A 221 6.83 24.05 21.66
C ILE A 221 6.36 23.22 22.87
N MET A 222 6.98 22.08 23.13
CA MET A 222 6.67 21.30 24.34
C MET A 222 6.99 22.11 25.61
N ASP A 223 8.10 22.86 25.63
CA ASP A 223 8.43 23.77 26.74
C ASP A 223 7.28 24.77 27.00
N LEU A 224 6.73 25.38 25.95
CA LEU A 224 5.66 26.39 26.03
C LEU A 224 4.32 25.79 26.50
N LEU A 225 4.06 24.51 26.16
CA LEU A 225 2.78 23.85 26.45
C LEU A 225 2.82 23.22 27.84
N GLY A 226 4.02 23.08 28.42
CA GLY A 226 4.20 22.50 29.74
C GLY A 226 3.69 21.07 29.78
N ASP A 227 2.83 20.81 30.77
CA ASP A 227 2.38 19.46 31.10
C ASP A 227 1.26 19.00 30.15
N ARG A 228 0.86 19.84 29.19
CA ARG A 228 -0.20 19.48 28.23
C ARG A 228 0.28 18.41 27.23
N VAL A 229 1.60 18.18 27.11
CA VAL A 229 2.13 17.13 26.26
C VAL A 229 2.34 15.84 27.08
N LYS A 230 1.79 14.73 26.56
CA LYS A 230 1.83 13.45 27.24
C LYS A 230 2.64 12.44 26.41
N LEU A 231 3.86 12.18 26.88
CA LEU A 231 4.74 11.22 26.25
C LEU A 231 4.32 9.80 26.64
N GLU A 232 4.59 8.83 25.74
CA GLU A 232 4.30 7.39 26.00
C GLU A 232 2.79 7.18 26.18
N ARG A 233 2.00 7.90 25.36
CA ARG A 233 0.58 7.75 25.22
C ARG A 233 0.24 7.42 23.78
N PRO A 234 0.54 6.19 23.28
CA PRO A 234 0.07 5.76 21.96
C PRO A 234 -1.45 5.67 22.01
N VAL A 235 -2.13 6.35 21.08
CA VAL A 235 -3.54 6.28 20.96
C VAL A 235 -3.92 4.96 20.25
N ILE A 236 -4.94 4.30 20.81
CA ILE A 236 -5.41 2.97 20.33
C ILE A 236 -6.89 3.01 19.90
N TYR A 237 -7.66 4.03 20.33
CA TYR A 237 -9.11 4.01 20.19
C TYR A 237 -9.65 5.44 20.22
N ILE A 238 -10.46 5.74 19.21
CA ILE A 238 -11.19 6.99 19.14
C ILE A 238 -12.69 6.66 18.93
N ASP A 239 -13.49 7.13 19.90
CA ASP A 239 -14.93 6.94 19.93
C ASP A 239 -15.64 8.29 19.70
N GLN A 240 -16.43 8.35 18.63
CA GLN A 240 -17.18 9.53 18.31
C GLN A 240 -18.70 9.31 18.48
N THR A 241 -19.15 8.24 19.15
CA THR A 241 -20.60 7.93 19.19
C THR A 241 -21.35 8.87 20.15
N ARG A 242 -20.67 9.46 21.13
CA ARG A 242 -21.32 10.31 22.14
C ARG A 242 -21.08 11.79 21.81
N GLU A 243 -21.45 12.66 22.76
CA GLU A 243 -21.47 14.12 22.61
C GLU A 243 -20.04 14.67 22.54
N ASN A 244 -19.21 14.19 23.46
CA ASN A 244 -17.77 14.46 23.50
C ASN A 244 -17.02 13.27 22.91
N VAL A 245 -15.92 13.56 22.19
CA VAL A 245 -15.03 12.55 21.62
C VAL A 245 -14.18 11.93 22.74
N LEU A 246 -14.08 10.60 22.72
CA LEU A 246 -13.30 9.86 23.66
C LEU A 246 -12.08 9.31 22.91
N VAL A 247 -10.89 9.59 23.46
CA VAL A 247 -9.64 9.14 22.91
C VAL A 247 -8.94 8.32 24.01
N GLU A 248 -8.65 7.05 23.70
CA GLU A 248 -8.04 6.14 24.66
C GLU A 248 -6.59 5.80 24.26
N THR A 249 -5.70 5.73 25.26
CA THR A 249 -4.30 5.42 25.05
C THR A 249 -4.02 3.96 25.49
N LEU A 250 -2.85 3.47 25.10
CA LEU A 250 -2.40 2.11 25.37
C LEU A 250 -2.11 1.89 26.88
N ASN A 251 -1.68 2.95 27.57
CA ASN A 251 -1.38 2.91 29.02
C ASN A 251 -2.66 3.14 29.84
N HIS A 252 -3.84 3.05 29.20
CA HIS A 252 -5.14 2.93 29.84
C HIS A 252 -5.71 4.30 30.31
N GLU A 253 -5.33 5.41 29.66
CA GLU A 253 -5.92 6.69 29.99
C GLU A 253 -7.00 7.04 28.96
N MET A 254 -8.03 7.75 29.42
CA MET A 254 -9.11 8.23 28.60
C MET A 254 -9.02 9.76 28.53
N TYR A 255 -9.08 10.33 27.31
CA TYR A 255 -9.17 11.78 27.14
C TYR A 255 -10.49 12.09 26.43
N GLU A 256 -11.11 13.18 26.86
CA GLU A 256 -12.38 13.61 26.40
C GLU A 256 -12.23 15.03 25.84
N ALA A 257 -12.67 15.24 24.59
CA ALA A 257 -12.52 16.51 23.91
C ALA A 257 -13.71 16.78 23.00
N LYS A 258 -13.77 18.01 22.49
CA LYS A 258 -14.76 18.42 21.48
C LYS A 258 -14.31 17.96 20.07
N TYR A 259 -13.01 18.06 19.80
CA TYR A 259 -12.41 17.74 18.50
C TYR A 259 -11.05 17.06 18.69
N VAL A 260 -10.65 16.34 17.65
CA VAL A 260 -9.37 15.68 17.58
C VAL A 260 -8.71 16.10 16.28
N ILE A 261 -7.41 16.39 16.36
CA ILE A 261 -6.56 16.51 15.20
C ILE A 261 -5.69 15.24 15.18
N SER A 262 -5.76 14.50 14.07
CA SER A 262 -4.86 13.39 13.83
C SER A 262 -3.64 13.91 13.05
N ALA A 263 -2.48 13.98 13.72
CA ALA A 263 -1.25 14.56 13.17
C ALA A 263 -0.15 13.48 13.06
N ILE A 264 -0.53 12.34 12.46
CA ILE A 264 0.28 11.16 12.26
C ILE A 264 0.22 10.80 10.78
N PRO A 265 1.26 10.11 10.22
CA PRO A 265 1.20 9.67 8.83
C PRO A 265 -0.10 8.91 8.57
N PRO A 266 -0.75 9.12 7.42
CA PRO A 266 -2.03 8.49 7.15
C PRO A 266 -2.10 6.98 7.44
N THR A 267 -1.07 6.20 7.07
CA THR A 267 -1.20 4.77 7.27
C THR A 267 -1.14 4.40 8.77
N LEU A 268 -0.50 5.21 9.61
CA LEU A 268 -0.43 4.89 11.06
C LEU A 268 -1.79 5.12 11.75
N GLY A 269 -2.72 5.78 11.05
CA GLY A 269 -4.15 5.70 11.35
C GLY A 269 -4.69 4.27 11.54
N MET A 270 -4.02 3.27 10.93
CA MET A 270 -4.38 1.85 11.08
C MET A 270 -4.17 1.38 12.52
N LYS A 271 -3.32 2.08 13.30
CA LYS A 271 -3.02 1.62 14.64
C LYS A 271 -4.14 2.00 15.61
N ILE A 272 -5.14 2.74 15.13
CA ILE A 272 -6.24 3.23 15.93
C ILE A 272 -7.51 2.49 15.49
N HIS A 273 -8.28 2.04 16.48
CA HIS A 273 -9.57 1.40 16.30
C HIS A 273 -10.63 2.48 16.40
N PHE A 274 -11.52 2.55 15.42
CA PHE A 274 -12.44 3.66 15.35
C PHE A 274 -13.86 3.14 15.65
N ASN A 275 -14.61 3.97 16.37
CA ASN A 275 -16.05 3.76 16.62
C ASN A 275 -16.74 5.12 16.52
N PRO A 276 -17.66 5.26 15.56
CA PRO A 276 -18.01 4.23 14.58
C PRO A 276 -16.84 3.97 13.64
N PRO A 277 -16.91 2.92 12.80
CA PRO A 277 -15.87 2.64 11.82
C PRO A 277 -15.68 3.83 10.86
N LEU A 278 -14.46 4.01 10.36
CA LEU A 278 -14.19 4.99 9.32
C LEU A 278 -15.12 4.75 8.13
N PRO A 279 -15.50 5.81 7.39
CA PRO A 279 -16.12 5.62 6.08
C PRO A 279 -15.19 4.82 5.13
N MET A 280 -15.81 4.20 4.14
CA MET A 280 -15.18 3.25 3.23
C MET A 280 -13.88 3.79 2.63
N MET A 281 -13.92 5.02 2.11
CA MET A 281 -12.83 5.53 1.34
C MET A 281 -11.61 5.74 2.25
N ARG A 282 -11.77 6.34 3.44
CA ARG A 282 -10.61 6.46 4.30
C ARG A 282 -10.15 5.08 4.79
N ASN A 283 -11.10 4.22 5.14
CA ASN A 283 -10.82 2.85 5.62
C ASN A 283 -9.83 2.14 4.68
N GLN A 284 -10.07 2.26 3.38
CA GLN A 284 -9.22 1.58 2.40
C GLN A 284 -7.97 2.41 2.12
N MET A 285 -8.11 3.74 2.11
CA MET A 285 -6.99 4.61 1.73
C MET A 285 -5.78 4.38 2.66
N ILE A 286 -6.05 4.19 3.95
CA ILE A 286 -4.95 4.11 4.92
C ILE A 286 -4.24 2.75 4.85
N THR A 287 -4.67 1.83 3.97
CA THR A 287 -3.96 0.56 3.73
C THR A 287 -3.13 0.65 2.44
N ARG A 288 -3.16 1.81 1.77
CA ARG A 288 -2.70 1.95 0.38
C ARG A 288 -1.59 3.00 0.26
N VAL A 289 -1.09 3.51 1.39
CA VAL A 289 -0.19 4.67 1.36
C VAL A 289 0.99 4.41 2.29
N PRO A 290 1.98 3.61 1.81
CA PRO A 290 3.20 3.36 2.56
C PRO A 290 4.14 4.56 2.54
N LEU A 291 5.11 4.55 3.45
CA LEU A 291 6.25 5.50 3.45
C LEU A 291 7.46 4.79 2.83
N GLY A 292 8.44 5.59 2.43
CA GLY A 292 9.65 5.14 1.79
C GLY A 292 10.64 4.60 2.79
N SER A 293 11.81 4.23 2.29
CA SER A 293 12.80 3.49 3.00
C SER A 293 14.13 4.25 2.93
N VAL A 294 14.68 4.61 4.08
CA VAL A 294 15.95 5.26 4.07
C VAL A 294 16.68 4.98 5.38
N ILE A 295 18.01 4.85 5.28
CA ILE A 295 18.93 4.92 6.41
C ILE A 295 19.75 6.22 6.25
N LYS A 296 19.71 7.09 7.26
CA LYS A 296 20.53 8.32 7.26
C LYS A 296 21.80 8.05 8.06
N CYS A 297 22.96 8.25 7.43
CA CYS A 297 24.25 7.85 7.98
C CYS A 297 25.18 9.07 8.00
N ILE A 298 25.85 9.29 9.13
CA ILE A 298 26.80 10.38 9.26
C ILE A 298 28.16 9.80 9.68
N VAL A 299 29.17 10.05 8.83
CA VAL A 299 30.56 9.65 9.07
C VAL A 299 31.34 10.92 9.43
N TYR A 300 32.00 10.89 10.60
CA TYR A 300 32.77 11.98 11.14
C TYR A 300 34.25 11.78 10.82
N TYR A 301 34.94 12.88 10.54
CA TYR A 301 36.35 12.90 10.22
C TYR A 301 37.02 13.99 11.03
N LYS A 302 38.36 13.88 11.12
CA LYS A 302 39.22 14.84 11.85
C LYS A 302 39.02 16.27 11.32
N GLU A 303 38.95 16.40 9.99
CA GLU A 303 38.83 17.65 9.26
C GLU A 303 38.01 17.41 8.00
N PRO A 304 37.42 18.48 7.42
CA PRO A 304 36.65 18.35 6.18
C PRO A 304 37.59 18.34 4.98
N PHE A 305 38.31 17.23 4.84
CA PHE A 305 39.48 17.11 3.96
C PHE A 305 39.08 17.29 2.49
N TRP A 306 37.82 17.02 2.16
CA TRP A 306 37.31 17.14 0.78
C TRP A 306 37.36 18.60 0.28
N ARG A 307 37.23 19.58 1.20
CA ARG A 307 37.25 21.02 0.85
C ARG A 307 38.62 21.41 0.29
N LYS A 308 39.68 20.80 0.83
CA LYS A 308 41.05 21.05 0.36
C LYS A 308 41.25 20.54 -1.07
N LYS A 309 40.46 19.55 -1.53
CA LYS A 309 40.48 19.12 -2.96
C LYS A 309 39.47 19.87 -3.82
N ASP A 310 38.83 20.89 -3.25
CA ASP A 310 37.85 21.72 -3.91
C ASP A 310 36.58 20.91 -4.20
N TYR A 311 36.18 20.07 -3.23
CA TYR A 311 34.91 19.40 -3.20
C TYR A 311 34.09 19.95 -2.03
N CYS A 312 32.83 20.33 -2.24
CA CYS A 312 31.99 20.85 -1.14
C CYS A 312 31.50 19.72 -0.25
N GLY A 313 31.45 18.48 -0.79
CA GLY A 313 31.04 17.32 -0.01
C GLY A 313 29.76 16.69 -0.57
N THR A 314 29.17 17.36 -1.54
CA THR A 314 28.01 16.88 -2.21
C THR A 314 28.39 15.85 -3.27
N MET A 315 27.80 14.67 -3.17
CA MET A 315 28.06 13.62 -4.11
C MET A 315 26.71 13.07 -4.59
N ILE A 316 26.57 12.94 -5.91
CA ILE A 316 25.45 12.29 -6.55
C ILE A 316 25.99 11.02 -7.18
N ILE A 317 25.65 9.88 -6.58
CA ILE A 317 26.36 8.66 -6.84
C ILE A 317 25.41 7.66 -7.52
N ASP A 318 25.69 7.32 -8.77
CA ASP A 318 24.88 6.36 -9.48
C ASP A 318 25.62 5.01 -9.55
N GLY A 319 24.94 3.94 -9.19
CA GLY A 319 25.48 2.61 -9.41
C GLY A 319 24.98 1.64 -8.37
N GLU A 320 24.68 0.41 -8.83
CA GLU A 320 24.10 -0.64 -7.99
C GLU A 320 25.02 -1.00 -6.81
N GLU A 321 26.34 -0.86 -6.97
CA GLU A 321 27.31 -1.32 -5.97
C GLU A 321 27.46 -0.28 -4.85
N ALA A 322 27.03 0.95 -5.12
CA ALA A 322 27.16 2.05 -4.21
C ALA A 322 26.06 1.97 -3.15
N PRO A 323 26.41 1.80 -1.86
CA PRO A 323 25.40 1.82 -0.81
C PRO A 323 24.65 3.17 -0.74
N VAL A 324 25.37 4.27 -0.95
CA VAL A 324 24.84 5.60 -0.72
C VAL A 324 24.66 6.29 -2.07
N ALA A 325 23.50 6.91 -2.30
CA ALA A 325 23.24 7.57 -3.58
C ALA A 325 23.45 9.10 -3.51
N TYR A 326 23.47 9.70 -2.30
CA TYR A 326 23.56 11.15 -2.15
C TYR A 326 24.15 11.54 -0.79
N THR A 327 25.01 12.55 -0.79
CA THR A 327 25.67 13.02 0.40
C THR A 327 25.65 14.53 0.43
N LEU A 328 25.81 15.09 1.63
CA LEU A 328 26.09 16.49 1.81
C LEU A 328 27.14 16.63 2.92
N ASP A 329 27.86 17.75 2.89
CA ASP A 329 28.70 18.18 3.99
C ASP A 329 27.82 18.44 5.22
N ASP A 330 28.17 17.85 6.37
CA ASP A 330 27.43 18.06 7.61
C ASP A 330 28.35 18.59 8.73
N THR A 331 29.50 19.14 8.34
CA THR A 331 30.36 19.94 9.21
C THR A 331 29.55 21.07 9.89
N LYS A 332 29.82 21.27 11.20
CA LYS A 332 29.27 22.40 11.94
C LYS A 332 29.67 23.71 11.30
N PRO A 333 28.85 24.77 11.46
CA PRO A 333 29.15 26.09 10.88
C PRO A 333 30.47 26.66 11.42
N GLU A 334 30.89 26.26 12.61
CA GLU A 334 32.15 26.74 13.22
C GLU A 334 33.35 26.08 12.51
N GLY A 335 33.07 25.03 11.71
CA GLY A 335 34.08 24.37 10.88
C GLY A 335 34.60 23.11 11.53
N ASN A 336 34.11 22.76 12.73
CA ASN A 336 34.55 21.54 13.46
C ASN A 336 33.47 20.45 13.32
N TYR A 337 33.72 19.27 13.91
CA TYR A 337 32.93 18.05 13.80
C TYR A 337 32.65 17.74 12.32
N ALA A 338 33.71 17.76 11.51
CA ALA A 338 33.67 17.43 10.11
C ALA A 338 32.96 16.11 9.91
N ALA A 339 32.05 16.08 8.97
CA ALA A 339 31.14 14.99 8.79
C ALA A 339 30.59 14.97 7.36
N ILE A 340 30.32 13.77 6.84
CA ILE A 340 29.57 13.61 5.59
C ILE A 340 28.27 12.89 5.94
N MET A 341 27.12 13.51 5.61
CA MET A 341 25.80 12.89 5.73
C MET A 341 25.47 12.18 4.41
N GLY A 342 25.03 10.92 4.49
CA GLY A 342 24.63 10.17 3.30
C GLY A 342 23.36 9.36 3.51
N PHE A 343 22.64 9.11 2.41
CA PHE A 343 21.41 8.34 2.46
C PHE A 343 21.58 6.97 1.80
N ILE A 344 21.11 5.93 2.49
CA ILE A 344 20.90 4.63 1.84
C ILE A 344 19.41 4.51 1.59
N LEU A 345 19.05 4.41 0.30
CA LEU A 345 17.73 4.72 -0.28
C LEU A 345 17.06 3.46 -0.81
N ALA A 346 15.72 3.40 -0.66
CA ALA A 346 14.87 2.49 -1.41
C ALA A 346 15.36 1.05 -1.25
N HIS A 347 15.59 0.29 -2.33
CA HIS A 347 15.90 -1.16 -2.15
C HIS A 347 17.25 -1.37 -1.44
N LYS A 348 18.14 -0.38 -1.46
CA LYS A 348 19.43 -0.54 -0.78
C LYS A 348 19.29 -0.47 0.75
N ALA A 349 18.26 0.23 1.24
CA ALA A 349 17.99 0.27 2.68
C ALA A 349 17.68 -1.15 3.17
N ARG A 350 16.80 -1.83 2.43
CA ARG A 350 16.39 -3.22 2.69
C ARG A 350 17.63 -4.13 2.67
N LYS A 351 18.37 -4.07 1.57
CA LYS A 351 19.53 -4.94 1.37
C LYS A 351 20.57 -4.75 2.49
N LEU A 352 20.90 -3.51 2.86
CA LEU A 352 22.08 -3.25 3.71
C LEU A 352 21.71 -3.20 5.20
N ALA A 353 20.40 -3.15 5.52
CA ALA A 353 19.88 -3.19 6.93
C ALA A 353 20.36 -4.45 7.68
N ARG A 354 20.59 -5.54 6.94
CA ARG A 354 20.96 -6.83 7.55
C ARG A 354 22.44 -6.85 7.96
N LEU A 355 23.24 -5.85 7.54
CA LEU A 355 24.65 -5.71 7.95
C LEU A 355 24.73 -5.12 9.36
N THR A 356 25.91 -5.22 9.98
CA THR A 356 26.16 -4.49 11.24
C THR A 356 26.53 -3.02 10.94
N LYS A 357 26.36 -2.19 11.97
CA LYS A 357 26.76 -0.82 12.00
C LYS A 357 28.19 -0.70 11.46
N GLU A 358 29.09 -1.55 11.96
CA GLU A 358 30.53 -1.51 11.63
C GLU A 358 30.74 -1.88 10.16
N GLU A 359 30.05 -2.90 9.66
CA GLU A 359 30.14 -3.28 8.24
C GLU A 359 29.60 -2.15 7.33
N ARG A 360 28.52 -1.47 7.72
CA ARG A 360 27.96 -0.35 6.91
C ARG A 360 28.94 0.82 6.87
N LEU A 361 29.58 1.12 8.01
CA LEU A 361 30.57 2.22 8.08
C LEU A 361 31.71 1.97 7.09
N LYS A 362 32.19 0.72 7.09
CA LYS A 362 33.27 0.26 6.22
C LYS A 362 32.89 0.48 4.76
N LYS A 363 31.69 0.08 4.35
CA LYS A 363 31.27 0.18 2.96
C LYS A 363 31.18 1.64 2.53
N LEU A 364 30.76 2.53 3.45
CA LEU A 364 30.56 3.97 3.17
C LEU A 364 31.93 4.60 2.96
N CYS A 365 32.85 4.28 3.85
CA CYS A 365 34.20 4.81 3.80
C CYS A 365 34.86 4.44 2.48
N GLU A 366 34.73 3.18 2.07
CA GLU A 366 35.37 2.71 0.85
C GLU A 366 34.77 3.42 -0.37
N LEU A 367 33.46 3.70 -0.32
CA LEU A 367 32.81 4.37 -1.41
C LEU A 367 33.28 5.83 -1.48
N TYR A 368 33.36 6.47 -0.31
CA TYR A 368 33.69 7.89 -0.22
C TYR A 368 35.13 8.08 -0.70
N ALA A 369 35.99 7.14 -0.33
CA ALA A 369 37.38 7.14 -0.71
C ALA A 369 37.50 7.12 -2.23
N LYS A 370 36.76 6.22 -2.87
CA LYS A 370 36.76 6.11 -4.34
C LYS A 370 36.17 7.40 -4.95
N VAL A 371 35.03 7.85 -4.46
CA VAL A 371 34.35 8.95 -5.09
C VAL A 371 35.14 10.25 -4.95
N LEU A 372 35.68 10.49 -3.75
CA LEU A 372 36.45 11.71 -3.46
C LEU A 372 37.94 11.56 -3.87
N GLY A 373 38.37 10.37 -4.29
CA GLY A 373 39.80 10.11 -4.64
C GLY A 373 40.74 10.35 -3.46
N SER A 374 40.33 9.92 -2.26
CA SER A 374 40.96 10.32 -0.98
C SER A 374 41.02 9.14 -0.02
N LEU A 375 42.22 8.66 0.27
CA LEU A 375 42.47 7.66 1.34
C LEU A 375 42.07 8.14 2.74
N GLU A 376 41.99 9.46 2.97
CA GLU A 376 41.60 10.00 4.28
C GLU A 376 40.15 9.61 4.65
N ALA A 377 39.33 9.38 3.63
CA ALA A 377 37.99 8.91 3.78
C ALA A 377 37.93 7.57 4.50
N LEU A 378 39.06 6.83 4.52
CA LEU A 378 39.11 5.53 5.22
C LEU A 378 39.47 5.73 6.71
N GLU A 379 39.53 6.98 7.18
CA GLU A 379 39.96 7.26 8.58
C GLU A 379 38.87 7.98 9.37
N PRO A 380 37.64 7.42 9.48
CA PRO A 380 36.58 8.05 10.26
C PRO A 380 36.90 8.04 11.76
N VAL A 381 36.40 9.04 12.50
CA VAL A 381 36.62 9.14 13.97
C VAL A 381 35.34 8.77 14.71
N HIS A 382 34.20 8.69 14.00
CA HIS A 382 32.92 8.42 14.60
C HIS A 382 31.88 8.14 13.51
N TYR A 383 30.76 7.51 13.91
CA TYR A 383 29.66 7.15 13.04
C TYR A 383 28.35 7.23 13.84
N GLU A 384 27.29 7.72 13.19
CA GLU A 384 25.93 7.71 13.67
C GLU A 384 25.02 7.34 12.49
N GLU A 385 23.90 6.65 12.77
CA GLU A 385 22.98 6.26 11.70
C GLU A 385 21.59 6.04 12.31
N LYS A 386 20.55 6.15 11.48
CA LYS A 386 19.23 5.79 11.88
C LYS A 386 18.48 5.20 10.70
N ASN A 387 18.03 3.96 10.88
CA ASN A 387 17.16 3.29 9.96
C ASN A 387 15.70 3.63 10.29
N TRP A 388 15.05 4.50 9.50
CA TRP A 388 13.63 4.91 9.73
C TRP A 388 12.64 3.78 9.38
N CYS A 389 13.08 2.77 8.63
CA CYS A 389 12.18 1.63 8.24
C CYS A 389 11.74 0.80 9.45
N GLU A 390 12.48 0.87 10.54
CA GLU A 390 12.24 0.06 11.71
C GLU A 390 11.39 0.82 12.75
N GLU A 391 10.94 2.04 12.44
CA GLU A 391 10.15 2.85 13.39
C GLU A 391 8.65 2.47 13.31
N GLN A 392 8.16 1.82 14.36
CA GLN A 392 6.72 1.49 14.51
C GLN A 392 5.84 2.75 14.37
N TYR A 393 6.29 3.91 14.87
CA TYR A 393 5.47 5.10 14.95
C TYR A 393 5.88 6.15 13.90
N SER A 394 6.67 5.75 12.87
CA SER A 394 6.85 6.55 11.64
C SER A 394 6.47 5.73 10.39
N GLY A 395 6.91 4.47 10.32
CA GLY A 395 6.58 3.56 9.23
C GLY A 395 7.55 3.65 8.07
N GLY A 396 8.40 4.71 8.09
CA GLY A 396 9.51 4.99 7.15
C GLY A 396 9.79 6.48 7.06
N CYS A 397 10.54 6.89 6.02
CA CYS A 397 10.89 8.29 5.74
C CYS A 397 11.23 8.41 4.24
N TYR A 398 11.22 9.64 3.68
CA TYR A 398 10.87 10.88 4.37
C TYR A 398 9.35 10.97 4.62
N THR A 399 8.58 10.38 3.70
CA THR A 399 7.17 10.61 3.67
C THR A 399 6.45 9.48 2.93
N THR A 400 5.14 9.65 2.87
CA THR A 400 4.19 8.78 2.22
C THR A 400 4.28 8.93 0.71
N TYR A 401 4.33 7.80 -0.01
CA TYR A 401 4.19 7.80 -1.46
C TYR A 401 2.88 7.08 -1.83
N PHE A 402 2.39 7.40 -3.04
CA PHE A 402 1.21 6.76 -3.56
C PHE A 402 1.62 5.85 -4.72
N PRO A 403 1.32 4.54 -4.62
CA PRO A 403 1.43 3.62 -5.76
C PRO A 403 0.44 3.97 -6.87
N PRO A 404 0.61 3.37 -8.07
CA PRO A 404 -0.28 3.65 -9.19
C PRO A 404 -1.72 3.36 -8.81
N GLY A 405 -2.59 4.35 -9.08
CA GLY A 405 -4.02 4.18 -9.07
C GLY A 405 -4.65 4.70 -7.79
N ILE A 406 -3.85 5.04 -6.80
CA ILE A 406 -4.39 5.32 -5.49
C ILE A 406 -4.79 6.79 -5.40
N LEU A 407 -3.98 7.71 -5.93
CA LEU A 407 -4.21 9.17 -5.70
C LEU A 407 -5.52 9.64 -6.34
N THR A 408 -5.90 9.09 -7.49
CA THR A 408 -7.14 9.54 -8.15
C THR A 408 -8.37 8.94 -7.47
N GLN A 409 -8.24 7.75 -6.89
CA GLN A 409 -9.37 7.02 -6.34
C GLN A 409 -9.59 7.42 -4.88
N TYR A 410 -8.52 7.69 -4.13
CA TYR A 410 -8.64 7.87 -2.69
C TYR A 410 -8.12 9.23 -2.23
N GLY A 411 -7.47 9.98 -3.10
CA GLY A 411 -6.73 11.18 -2.76
C GLY A 411 -7.60 12.25 -2.13
N ARG A 412 -8.84 12.34 -2.58
CA ARG A 412 -9.71 13.41 -2.13
C ARG A 412 -10.10 13.28 -0.66
N VAL A 413 -9.74 12.18 0.04
CA VAL A 413 -10.20 12.01 1.41
C VAL A 413 -9.06 12.21 2.40
N LEU A 414 -7.84 12.41 1.91
CA LEU A 414 -6.66 12.63 2.74
C LEU A 414 -6.97 13.59 3.91
N ARG A 415 -7.48 14.79 3.59
CA ARG A 415 -7.73 15.80 4.63
C ARG A 415 -9.23 16.11 4.79
N GLN A 416 -10.09 15.21 4.31
CA GLN A 416 -11.52 15.28 4.59
C GLN A 416 -11.79 14.87 6.05
N PRO A 417 -12.30 15.81 6.88
CA PRO A 417 -12.65 15.49 8.26
C PRO A 417 -13.62 14.31 8.34
N VAL A 418 -13.48 13.49 9.39
CA VAL A 418 -14.42 12.45 9.68
C VAL A 418 -15.11 12.85 10.98
N ASP A 419 -16.32 13.41 10.85
CA ASP A 419 -17.12 13.93 11.96
C ASP A 419 -16.30 15.01 12.69
N ARG A 420 -15.73 14.70 13.87
CA ARG A 420 -14.99 15.70 14.70
C ARG A 420 -13.48 15.41 14.75
N ILE A 421 -12.98 14.54 13.85
CA ILE A 421 -11.56 14.34 13.61
C ILE A 421 -11.14 15.14 12.37
N TYR A 422 -10.09 15.96 12.53
CA TYR A 422 -9.48 16.75 11.46
C TYR A 422 -8.07 16.21 11.23
N PHE A 423 -7.59 16.27 9.98
CA PHE A 423 -6.30 15.68 9.61
C PHE A 423 -5.23 16.73 9.32
N ALA A 424 -4.12 16.59 10.05
CA ALA A 424 -2.89 17.31 9.86
C ALA A 424 -1.82 16.30 9.44
N GLY A 425 -0.55 16.64 9.70
CA GLY A 425 0.61 15.89 9.20
C GLY A 425 1.03 16.36 7.83
N THR A 426 2.32 16.30 7.53
CA THR A 426 2.86 16.93 6.33
C THR A 426 2.16 16.36 5.08
N GLU A 427 1.73 15.10 5.13
CA GLU A 427 1.10 14.47 3.94
C GLU A 427 -0.15 15.21 3.46
N THR A 428 -0.77 16.02 4.31
CA THR A 428 -2.02 16.74 3.97
C THR A 428 -1.77 18.20 3.56
N ALA A 429 -0.50 18.61 3.40
CA ALA A 429 -0.15 19.97 2.99
C ALA A 429 -0.30 20.11 1.48
N THR A 430 -0.29 21.37 1.02
CA THR A 430 -0.42 21.70 -0.42
C THR A 430 0.86 22.34 -0.96
N HIS A 431 1.84 22.56 -0.09
CA HIS A 431 3.09 23.21 -0.42
C HIS A 431 4.17 22.63 0.50
N TRP A 432 5.12 21.90 -0.09
CA TRP A 432 6.18 21.22 0.64
C TRP A 432 5.59 20.10 1.51
N SER A 433 4.48 19.52 1.04
CA SER A 433 4.08 18.21 1.54
C SER A 433 5.30 17.30 1.50
N GLY A 434 5.51 16.58 2.61
CA GLY A 434 6.62 15.69 2.77
C GLY A 434 7.72 16.29 3.65
N TYR A 435 7.65 17.59 3.92
CA TYR A 435 8.71 18.32 4.65
C TYR A 435 8.22 18.90 5.98
N MET A 436 9.15 19.42 6.75
CA MET A 436 8.81 20.14 7.98
C MET A 436 7.91 21.35 7.67
N GLU A 437 8.16 22.04 6.56
CA GLU A 437 7.27 23.12 6.05
C GLU A 437 5.83 22.64 5.94
N GLY A 438 5.61 21.49 5.31
CA GLY A 438 4.23 20.99 5.13
C GLY A 438 3.59 20.60 6.46
N ALA A 439 4.41 20.12 7.37
CA ALA A 439 3.94 19.79 8.69
C ALA A 439 3.30 21.02 9.35
N VAL A 440 3.99 22.17 9.23
CA VAL A 440 3.56 23.41 9.91
C VAL A 440 2.28 23.89 9.22
N GLU A 441 2.28 23.89 7.89
CA GLU A 441 1.10 24.30 7.11
C GLU A 441 -0.12 23.46 7.52
N ALA A 442 0.01 22.12 7.50
CA ALA A 442 -1.09 21.20 7.75
C ALA A 442 -1.57 21.31 9.21
N GLY A 443 -0.62 21.44 10.14
CA GLY A 443 -0.97 21.58 11.55
C GLY A 443 -1.77 22.84 11.84
N GLU A 444 -1.31 23.95 11.30
CA GLU A 444 -1.96 25.24 11.49
C GLU A 444 -3.32 25.27 10.80
N ARG A 445 -3.44 24.61 9.62
CA ARG A 445 -4.69 24.62 8.85
C ARG A 445 -5.74 23.80 9.59
N ALA A 446 -5.36 22.59 10.03
CA ALA A 446 -6.26 21.72 10.79
C ALA A 446 -6.75 22.43 12.07
N ALA A 447 -5.85 23.08 12.81
CA ALA A 447 -6.22 23.87 13.98
C ALA A 447 -7.26 24.94 13.61
N ARG A 448 -7.06 25.64 12.50
CA ARG A 448 -7.98 26.72 12.08
C ARG A 448 -9.30 26.12 11.59
N GLU A 449 -9.27 24.93 10.97
CA GLU A 449 -10.56 24.24 10.64
C GLU A 449 -11.41 24.10 11.91
N ILE A 450 -10.77 23.77 13.02
CA ILE A 450 -11.46 23.59 14.27
C ILE A 450 -11.92 24.95 14.82
N LEU A 451 -11.07 25.97 14.79
CA LEU A 451 -11.48 27.32 15.18
C LEU A 451 -12.75 27.74 14.41
N HIS A 452 -12.83 27.39 13.11
CA HIS A 452 -14.00 27.72 12.30
C HIS A 452 -15.22 26.90 12.77
N ALA A 453 -15.03 25.61 13.05
CA ALA A 453 -16.12 24.74 13.49
C ALA A 453 -16.73 25.28 14.79
N MET A 454 -15.89 25.91 15.62
CA MET A 454 -16.30 26.44 16.92
C MET A 454 -16.81 27.89 16.80
N GLY A 455 -16.73 28.47 15.59
CA GLY A 455 -17.27 29.80 15.26
C GLY A 455 -16.36 30.93 15.74
N LYS A 456 -15.07 30.65 15.92
CA LYS A 456 -14.12 31.64 16.42
C LYS A 456 -13.49 32.43 15.26
N ILE A 457 -13.57 31.92 14.03
CA ILE A 457 -13.01 32.58 12.87
C ILE A 457 -13.87 32.25 11.65
N PRO A 458 -13.89 33.12 10.63
CA PRO A 458 -14.63 32.83 9.39
C PRO A 458 -13.90 31.85 8.46
N GLU A 459 -14.64 31.26 7.51
CA GLU A 459 -14.13 30.25 6.58
C GLU A 459 -12.87 30.77 5.83
N ASP A 460 -12.82 32.05 5.49
CA ASP A 460 -11.74 32.57 4.63
C ASP A 460 -10.42 32.65 5.41
N GLU A 461 -10.40 32.26 6.68
CA GLU A 461 -9.18 32.34 7.49
C GLU A 461 -8.58 30.96 7.82
N ILE A 462 -9.23 29.87 7.35
CA ILE A 462 -8.75 28.49 7.52
C ILE A 462 -7.40 28.34 6.80
N TRP A 463 -7.38 28.67 5.51
CA TRP A 463 -6.18 28.71 4.66
C TRP A 463 -5.62 30.12 4.70
N GLN A 464 -4.40 30.24 5.22
CA GLN A 464 -3.78 31.49 5.45
C GLN A 464 -2.44 31.52 4.72
N SER A 465 -2.20 32.58 3.94
CA SER A 465 -0.89 32.79 3.31
C SER A 465 0.15 33.20 4.36
N GLU A 466 1.42 33.15 3.94
CA GLU A 466 2.55 33.31 4.85
C GLU A 466 3.49 34.36 4.26
N PRO A 467 3.79 35.45 5.01
CA PRO A 467 4.78 36.43 4.57
C PRO A 467 6.13 35.73 4.29
N GLU A 468 6.80 36.20 3.23
CA GLU A 468 8.16 35.77 2.84
C GLU A 468 9.17 36.08 3.96
N SER A 469 10.03 35.12 4.29
CA SER A 469 11.12 35.31 5.25
C SER A 469 12.02 36.45 4.77
N VAL A 470 12.34 37.39 5.67
CA VAL A 470 13.30 38.47 5.40
C VAL A 470 14.72 37.91 5.50
N ASP A 471 14.92 36.83 6.27
CA ASP A 471 16.25 36.22 6.53
C ASP A 471 16.63 35.20 5.42
N VAL A 472 15.63 34.55 4.81
CA VAL A 472 15.87 33.54 3.75
C VAL A 472 15.03 33.90 2.54
N PRO A 473 15.48 34.90 1.75
CA PRO A 473 14.71 35.35 0.59
C PRO A 473 14.78 34.35 -0.58
N ALA A 474 13.68 34.21 -1.30
CA ALA A 474 13.57 33.28 -2.40
C ALA A 474 13.94 33.96 -3.74
N GLN A 475 15.09 33.55 -4.29
CA GLN A 475 15.44 33.82 -5.68
C GLN A 475 14.48 33.03 -6.54
N PRO A 476 13.97 33.61 -7.64
CA PRO A 476 12.99 32.90 -8.47
C PRO A 476 13.74 31.83 -9.24
N ILE A 477 12.98 30.91 -9.82
CA ILE A 477 13.50 29.84 -10.63
C ILE A 477 13.44 30.31 -12.08
N THR A 478 14.59 30.37 -12.75
CA THR A 478 14.71 30.88 -14.13
C THR A 478 15.18 29.76 -15.05
N THR A 479 14.80 29.89 -16.33
CA THR A 479 15.34 29.06 -17.40
C THR A 479 16.01 29.97 -18.44
N THR A 480 16.97 29.42 -19.20
CA THR A 480 17.53 30.07 -20.38
C THR A 480 16.59 29.82 -21.58
N PHE A 481 16.73 30.66 -22.61
CA PHE A 481 16.06 30.50 -23.92
C PHE A 481 16.27 29.09 -24.50
N LEU A 482 17.49 28.59 -24.43
CA LEU A 482 17.85 27.28 -25.00
C LEU A 482 17.13 26.15 -24.24
N GLU A 483 17.15 26.22 -22.90
CA GLU A 483 16.47 25.24 -22.06
C GLU A 483 14.99 25.17 -22.46
N ARG A 484 14.36 26.33 -22.71
CA ARG A 484 12.91 26.41 -23.00
C ARG A 484 12.61 25.89 -24.43
N HIS A 485 13.48 26.13 -25.42
CA HIS A 485 13.08 25.94 -26.82
C HIS A 485 13.87 24.82 -27.52
N LEU A 486 14.93 24.28 -26.93
CA LEU A 486 15.66 23.20 -27.62
C LEU A 486 14.71 22.01 -27.78
N PRO A 487 14.73 21.30 -28.92
CA PRO A 487 13.81 20.18 -29.13
C PRO A 487 14.16 18.96 -28.28
N SER A 488 13.17 18.07 -28.11
CA SER A 488 13.37 16.73 -27.63
C SER A 488 14.10 15.91 -28.69
N VAL A 489 14.47 14.70 -28.32
CA VAL A 489 15.03 13.77 -29.26
C VAL A 489 14.00 13.45 -30.35
N PRO A 490 12.76 12.99 -30.03
CA PRO A 490 11.79 12.68 -31.08
C PRO A 490 11.38 13.92 -31.89
N GLY A 491 11.41 15.09 -31.26
CA GLY A 491 11.20 16.38 -31.94
C GLY A 491 12.27 16.66 -32.96
N LEU A 492 13.54 16.41 -32.61
CA LEU A 492 14.64 16.52 -33.56
C LEU A 492 14.45 15.52 -34.71
N LEU A 493 14.06 14.27 -34.40
CA LEU A 493 13.85 13.25 -35.44
C LEU A 493 12.76 13.73 -36.41
N ARG A 494 11.71 14.40 -35.90
CA ARG A 494 10.62 14.96 -36.73
C ARG A 494 11.18 16.03 -37.67
N LEU A 495 11.95 16.98 -37.11
CA LEU A 495 12.64 18.01 -37.88
C LEU A 495 13.49 17.42 -39.03
N ILE A 496 14.11 16.26 -38.79
CA ILE A 496 15.00 15.58 -39.77
C ILE A 496 14.16 14.96 -40.90
N GLY A 497 13.13 14.18 -40.54
CA GLY A 497 12.24 13.54 -41.52
C GLY A 497 11.52 14.55 -42.40
N LEU A 498 11.08 15.68 -41.82
CA LEU A 498 10.36 16.78 -42.52
C LEU A 498 11.29 17.49 -43.50
N THR A 499 12.49 17.86 -43.03
CA THR A 499 13.51 18.57 -43.82
C THR A 499 14.00 17.73 -44.99
N THR A 500 13.97 16.39 -44.86
CA THR A 500 14.39 15.46 -45.92
C THR A 500 13.13 14.88 -46.61
N ILE A 501 12.29 15.79 -47.14
CA ILE A 501 11.06 15.47 -47.89
C ILE A 501 10.79 16.63 -48.85
N ASN B 3 -7.44 -15.62 30.52
CA ASN B 3 -6.13 -15.48 31.21
C ASN B 3 -5.12 -16.45 30.55
N LYS B 4 -4.75 -17.56 31.18
CA LYS B 4 -3.58 -18.34 30.76
C LYS B 4 -4.02 -19.45 29.80
N CYS B 5 -3.20 -19.74 28.78
CA CYS B 5 -3.43 -20.86 27.89
C CYS B 5 -2.14 -21.21 27.15
N ASP B 6 -2.20 -22.19 26.24
CA ASP B 6 -1.04 -22.61 25.41
C ASP B 6 -0.88 -21.68 24.20
N VAL B 7 -1.98 -21.46 23.45
CA VAL B 7 -1.96 -20.67 22.21
C VAL B 7 -3.15 -19.70 22.19
N VAL B 8 -2.85 -18.43 21.91
CA VAL B 8 -3.83 -17.43 21.53
C VAL B 8 -3.83 -17.32 20.01
N VAL B 9 -4.99 -17.49 19.41
CA VAL B 9 -5.18 -17.27 17.98
C VAL B 9 -5.86 -15.92 17.82
N VAL B 10 -5.26 -15.01 17.06
CA VAL B 10 -5.89 -13.75 16.74
C VAL B 10 -6.64 -13.90 15.42
N GLY B 11 -7.98 -13.80 15.48
CA GLY B 11 -8.85 -13.85 14.34
C GLY B 11 -9.61 -15.16 14.26
N GLY B 12 -10.93 -15.07 14.11
CA GLY B 12 -11.78 -16.22 14.02
C GLY B 12 -12.43 -16.36 12.65
N GLY B 13 -11.64 -16.13 11.61
CA GLY B 13 -12.01 -16.50 10.28
C GLY B 13 -11.82 -17.99 10.12
N ILE B 14 -12.00 -18.48 8.91
CA ILE B 14 -11.74 -19.86 8.64
C ILE B 14 -10.30 -20.22 9.04
N SER B 15 -9.31 -19.39 8.72
CA SER B 15 -7.91 -19.79 8.99
C SER B 15 -7.67 -19.96 10.50
N GLY B 16 -8.10 -18.97 11.28
CA GLY B 16 -7.91 -18.97 12.74
C GLY B 16 -8.65 -20.13 13.38
N MET B 17 -9.87 -20.38 12.90
CA MET B 17 -10.70 -21.44 13.41
C MET B 17 -10.05 -22.79 13.08
N ALA B 18 -9.59 -22.98 11.84
CA ALA B 18 -8.92 -24.22 11.45
C ALA B 18 -7.68 -24.46 12.31
N ALA B 19 -6.94 -23.39 12.61
CA ALA B 19 -5.75 -23.51 13.44
C ALA B 19 -6.18 -23.94 14.85
N ALA B 20 -7.13 -23.20 15.45
CA ALA B 20 -7.63 -23.48 16.80
C ALA B 20 -8.14 -24.93 16.89
N LYS B 21 -8.87 -25.41 15.87
CA LYS B 21 -9.43 -26.76 15.91
C LYS B 21 -8.30 -27.79 15.96
N LEU B 22 -7.26 -27.60 15.14
CA LEU B 22 -6.16 -28.56 15.12
C LEU B 22 -5.42 -28.58 16.47
N LEU B 23 -5.13 -27.41 17.07
CA LEU B 23 -4.42 -27.39 18.33
C LEU B 23 -5.25 -28.05 19.45
N HIS B 24 -6.54 -27.73 19.49
CA HIS B 24 -7.50 -28.32 20.42
C HIS B 24 -7.55 -29.85 20.28
N ASP B 25 -7.67 -30.35 19.04
CA ASP B 25 -7.74 -31.78 18.76
C ASP B 25 -6.46 -32.49 19.20
N SER B 26 -5.33 -31.76 19.27
CA SER B 26 -4.03 -32.32 19.75
C SER B 26 -3.88 -32.18 21.29
N GLY B 27 -4.81 -31.55 21.99
CA GLY B 27 -4.78 -31.53 23.47
C GLY B 27 -4.32 -30.22 24.11
N LEU B 28 -4.02 -29.19 23.30
CA LEU B 28 -3.64 -27.88 23.83
C LEU B 28 -4.86 -27.04 24.17
N ASN B 29 -4.67 -26.10 25.11
CA ASN B 29 -5.69 -25.12 25.51
C ASN B 29 -5.55 -23.88 24.60
N VAL B 30 -6.57 -23.63 23.79
CA VAL B 30 -6.52 -22.54 22.83
C VAL B 30 -7.60 -21.53 23.20
N VAL B 31 -7.27 -20.27 22.96
CA VAL B 31 -8.24 -19.22 22.96
C VAL B 31 -8.21 -18.55 21.58
N VAL B 32 -9.39 -18.18 21.08
CA VAL B 32 -9.52 -17.44 19.85
C VAL B 32 -10.06 -16.06 20.19
N LEU B 33 -9.30 -15.03 19.82
CA LEU B 33 -9.73 -13.65 20.05
C LEU B 33 -10.21 -13.05 18.73
N GLU B 34 -11.51 -12.76 18.65
CA GLU B 34 -12.18 -12.24 17.44
C GLU B 34 -12.71 -10.81 17.73
N ALA B 35 -12.41 -9.88 16.82
CA ALA B 35 -12.71 -8.45 16.99
C ALA B 35 -14.21 -8.19 16.86
N ARG B 36 -14.85 -8.92 15.93
CA ARG B 36 -16.25 -8.74 15.60
C ARG B 36 -17.15 -9.50 16.58
N ASP B 37 -18.45 -9.17 16.51
CA ASP B 37 -19.51 -9.90 17.23
C ASP B 37 -19.86 -11.23 16.53
N ARG B 38 -19.04 -11.70 15.58
CA ARG B 38 -19.29 -12.98 14.91
C ARG B 38 -17.94 -13.56 14.46
N VAL B 39 -17.97 -14.83 14.08
CA VAL B 39 -16.88 -15.51 13.44
C VAL B 39 -17.17 -15.53 11.94
N GLY B 40 -16.14 -15.84 11.14
CA GLY B 40 -16.28 -16.10 9.72
C GLY B 40 -15.45 -15.17 8.87
N GLY B 41 -15.16 -13.98 9.42
CA GLY B 41 -14.46 -12.92 8.72
C GLY B 41 -15.02 -12.58 7.33
N ARG B 42 -14.26 -12.95 6.31
CA ARG B 42 -14.57 -12.64 4.91
C ARG B 42 -15.62 -13.61 4.35
N THR B 43 -15.99 -14.65 5.13
CA THR B 43 -17.23 -15.36 4.91
C THR B 43 -18.28 -14.81 5.88
N TYR B 44 -19.51 -14.67 5.38
CA TYR B 44 -20.68 -14.21 6.13
C TYR B 44 -21.94 -14.73 5.44
N THR B 45 -22.68 -15.60 6.12
CA THR B 45 -23.95 -16.10 5.67
C THR B 45 -25.09 -15.42 6.44
N LEU B 46 -25.89 -14.65 5.70
CA LEU B 46 -27.07 -13.97 6.24
C LEU B 46 -28.27 -14.89 6.07
N ARG B 47 -29.07 -15.02 7.13
CA ARG B 47 -30.37 -15.78 7.09
C ARG B 47 -31.56 -14.82 7.32
N ASN B 48 -32.55 -14.95 6.45
CA ASN B 48 -33.89 -14.38 6.64
C ASN B 48 -34.84 -15.16 5.77
N GLN B 49 -36.14 -14.90 5.94
CA GLN B 49 -37.15 -15.73 5.34
C GLN B 49 -37.14 -15.53 3.81
N LYS B 50 -36.78 -14.33 3.35
CA LYS B 50 -36.83 -13.99 1.92
C LYS B 50 -35.77 -14.78 1.15
N VAL B 51 -34.55 -14.90 1.70
CA VAL B 51 -33.42 -15.53 1.00
C VAL B 51 -33.17 -16.97 1.50
N LYS B 52 -33.76 -17.32 2.66
CA LYS B 52 -33.41 -18.48 3.49
C LYS B 52 -31.99 -18.32 4.07
N TYR B 53 -30.97 -18.49 3.22
CA TYR B 53 -29.56 -18.19 3.56
C TYR B 53 -28.85 -17.66 2.30
N VAL B 54 -27.93 -16.71 2.47
CA VAL B 54 -27.13 -16.23 1.35
C VAL B 54 -25.71 -15.92 1.82
N ASP B 55 -24.73 -16.33 0.99
CA ASP B 55 -23.36 -16.02 1.19
C ASP B 55 -23.11 -14.60 0.66
N LEU B 56 -22.72 -13.69 1.56
CA LEU B 56 -22.43 -12.30 1.19
C LEU B 56 -20.92 -12.08 1.05
N GLY B 57 -20.13 -13.07 1.49
CA GLY B 57 -18.68 -13.07 1.28
C GLY B 57 -18.28 -14.33 0.53
N GLY B 58 -17.16 -14.92 0.91
CA GLY B 58 -16.68 -16.19 0.30
C GLY B 58 -17.73 -17.27 0.31
N SER B 59 -17.83 -18.03 -0.80
CA SER B 59 -18.95 -18.92 -1.09
C SER B 59 -18.53 -20.20 -1.84
N TYR B 60 -17.75 -20.06 -2.91
CA TYR B 60 -17.53 -21.18 -3.84
C TYR B 60 -16.31 -22.01 -3.45
N VAL B 61 -16.44 -23.30 -3.72
CA VAL B 61 -15.39 -24.27 -3.60
C VAL B 61 -15.47 -25.16 -4.84
N GLY B 62 -14.34 -25.78 -5.19
CA GLY B 62 -14.26 -26.58 -6.35
C GLY B 62 -13.17 -27.64 -6.23
N PRO B 63 -13.03 -28.48 -7.28
CA PRO B 63 -11.99 -29.50 -7.30
C PRO B 63 -10.59 -28.90 -7.13
N THR B 64 -9.73 -29.72 -6.51
CA THR B 64 -8.37 -29.46 -6.05
C THR B 64 -8.35 -28.69 -4.73
N GLN B 65 -9.51 -28.28 -4.19
CA GLN B 65 -9.55 -27.55 -2.91
C GLN B 65 -9.88 -28.55 -1.79
N ASN B 66 -9.03 -29.56 -1.64
CA ASN B 66 -9.30 -30.72 -0.84
C ASN B 66 -9.31 -30.43 0.67
N ARG B 67 -8.63 -29.39 1.15
CA ARG B 67 -8.62 -29.18 2.61
C ARG B 67 -9.96 -28.58 3.11
N ILE B 68 -10.55 -27.64 2.37
CA ILE B 68 -11.78 -27.01 2.80
C ILE B 68 -12.90 -28.03 2.63
N LEU B 69 -12.78 -28.90 1.64
CA LEU B 69 -13.81 -29.91 1.44
C LEU B 69 -13.78 -30.93 2.59
N ARG B 70 -12.59 -31.37 3.03
CA ARG B 70 -12.45 -32.37 4.15
C ARG B 70 -12.93 -31.76 5.48
N LEU B 71 -12.50 -30.51 5.75
CA LEU B 71 -12.88 -29.86 6.97
C LEU B 71 -14.40 -29.70 7.02
N ALA B 72 -14.99 -29.23 5.92
CA ALA B 72 -16.41 -28.98 5.84
C ALA B 72 -17.17 -30.30 5.98
N LYS B 73 -16.75 -31.34 5.26
CA LYS B 73 -17.38 -32.66 5.40
C LYS B 73 -17.34 -33.20 6.87
N GLU B 74 -16.21 -33.06 7.54
CA GLU B 74 -16.11 -33.47 8.96
C GLU B 74 -17.09 -32.72 9.87
N LEU B 75 -17.31 -31.43 9.58
CA LEU B 75 -18.22 -30.58 10.30
C LEU B 75 -19.68 -30.87 9.94
N GLY B 76 -19.90 -31.71 8.92
CA GLY B 76 -21.22 -32.21 8.56
C GLY B 76 -21.88 -31.43 7.42
N LEU B 77 -21.09 -30.69 6.65
CA LEU B 77 -21.62 -29.88 5.54
C LEU B 77 -21.62 -30.68 4.23
N GLU B 78 -22.46 -30.27 3.30
CA GLU B 78 -22.54 -30.86 1.99
C GLU B 78 -22.55 -29.74 0.94
N THR B 79 -22.12 -30.07 -0.27
CA THR B 79 -22.03 -29.16 -1.36
C THR B 79 -23.10 -29.49 -2.41
N TYR B 80 -23.42 -28.48 -3.21
CA TYR B 80 -24.20 -28.63 -4.41
C TYR B 80 -23.50 -27.80 -5.48
N LYS B 81 -23.82 -28.15 -6.74
CA LYS B 81 -23.22 -27.61 -7.92
C LYS B 81 -23.92 -26.33 -8.36
N VAL B 82 -23.13 -25.29 -8.64
CA VAL B 82 -23.59 -24.05 -9.27
C VAL B 82 -24.22 -24.38 -10.63
N ASN B 83 -25.32 -23.71 -10.98
CA ASN B 83 -26.01 -24.06 -12.21
C ASN B 83 -25.15 -23.64 -13.43
N GLU B 84 -24.75 -24.63 -14.23
CA GLU B 84 -24.07 -24.36 -15.48
C GLU B 84 -24.52 -25.35 -16.58
N VAL B 85 -25.79 -25.72 -16.55
CA VAL B 85 -26.38 -26.66 -17.54
C VAL B 85 -26.55 -25.92 -18.89
N GLU B 86 -27.02 -24.68 -18.86
CA GLU B 86 -27.33 -23.90 -20.08
C GLU B 86 -26.13 -23.03 -20.50
N ARG B 87 -26.39 -22.07 -21.41
CA ARG B 87 -25.37 -21.30 -22.03
C ARG B 87 -24.95 -20.14 -21.12
N LEU B 88 -23.65 -19.85 -21.19
CA LEU B 88 -23.06 -18.62 -20.66
C LEU B 88 -23.29 -17.47 -21.65
N ILE B 89 -23.16 -16.24 -21.16
CA ILE B 89 -23.29 -15.05 -21.97
C ILE B 89 -22.06 -14.17 -21.83
N HIS B 90 -21.54 -13.74 -22.98
CA HIS B 90 -20.60 -12.66 -23.08
C HIS B 90 -21.33 -11.45 -23.64
N HIS B 91 -21.44 -10.39 -22.84
CA HIS B 91 -22.03 -9.15 -23.31
C HIS B 91 -20.90 -8.17 -23.63
N VAL B 92 -20.76 -7.83 -24.91
CA VAL B 92 -19.71 -6.92 -25.33
C VAL B 92 -20.27 -5.97 -26.39
N LYS B 93 -19.97 -4.68 -26.23
CA LYS B 93 -20.42 -3.62 -27.15
C LYS B 93 -21.97 -3.63 -27.25
N GLY B 94 -22.65 -3.69 -26.09
CA GLY B 94 -24.11 -3.59 -26.03
C GLY B 94 -24.83 -4.79 -26.61
N LYS B 95 -24.15 -5.90 -26.89
CA LYS B 95 -24.83 -7.09 -27.38
C LYS B 95 -24.39 -8.35 -26.59
N SER B 96 -25.28 -9.35 -26.53
CA SER B 96 -25.09 -10.62 -25.84
C SER B 96 -24.75 -11.76 -26.83
N TYR B 97 -23.69 -12.51 -26.54
CA TYR B 97 -23.25 -13.66 -27.34
C TYR B 97 -23.27 -14.90 -26.45
N PRO B 98 -24.24 -15.81 -26.65
CA PRO B 98 -24.31 -17.01 -25.84
C PRO B 98 -23.22 -17.99 -26.25
N PHE B 99 -22.62 -18.68 -25.28
CA PHE B 99 -21.58 -19.64 -25.56
C PHE B 99 -21.59 -20.78 -24.53
N ARG B 100 -20.87 -21.85 -24.88
CA ARG B 100 -20.63 -22.97 -24.01
C ARG B 100 -19.12 -23.06 -23.83
N GLY B 101 -18.65 -23.56 -22.68
CA GLY B 101 -17.23 -23.65 -22.38
C GLY B 101 -16.80 -22.56 -21.40
N PRO B 102 -15.55 -22.65 -20.89
CA PRO B 102 -15.12 -21.79 -19.80
C PRO B 102 -14.93 -20.30 -20.15
N PHE B 103 -14.63 -20.00 -21.41
CA PHE B 103 -14.41 -18.62 -21.84
C PHE B 103 -15.03 -18.37 -23.21
N PRO B 104 -15.40 -17.11 -23.52
CA PRO B 104 -16.16 -16.79 -24.72
C PRO B 104 -15.37 -17.08 -25.99
N PRO B 105 -15.95 -17.74 -27.00
CA PRO B 105 -15.25 -17.93 -28.27
C PRO B 105 -14.99 -16.57 -28.96
N VAL B 106 -13.86 -16.51 -29.65
CA VAL B 106 -13.45 -15.38 -30.46
C VAL B 106 -13.53 -15.82 -31.93
N TRP B 107 -14.21 -15.02 -32.74
CA TRP B 107 -14.50 -15.40 -34.14
C TRP B 107 -13.52 -14.75 -35.16
N ASN B 108 -13.07 -13.52 -34.88
CA ASN B 108 -12.11 -12.85 -35.74
C ASN B 108 -10.78 -13.60 -35.64
N PRO B 109 -10.15 -14.04 -36.76
CA PRO B 109 -8.97 -14.93 -36.66
C PRO B 109 -7.71 -14.29 -36.05
N ILE B 110 -7.54 -12.98 -36.20
CA ILE B 110 -6.40 -12.27 -35.63
C ILE B 110 -6.57 -12.17 -34.12
N THR B 111 -7.77 -11.74 -33.70
CA THR B 111 -8.15 -11.65 -32.31
C THR B 111 -8.04 -13.03 -31.66
N TYR B 112 -8.45 -14.08 -32.38
CA TYR B 112 -8.35 -15.45 -31.88
C TYR B 112 -6.88 -15.75 -31.55
N LEU B 113 -5.98 -15.49 -32.49
CA LEU B 113 -4.57 -15.78 -32.23
C LEU B 113 -4.10 -15.02 -30.98
N ASP B 114 -4.52 -13.76 -30.86
CA ASP B 114 -4.02 -12.86 -29.84
C ASP B 114 -4.54 -13.27 -28.45
N HIS B 115 -5.82 -13.62 -28.39
CA HIS B 115 -6.47 -14.06 -27.19
C HIS B 115 -5.86 -15.38 -26.72
N ASN B 116 -5.74 -16.33 -27.65
CA ASN B 116 -5.22 -17.64 -27.36
C ASN B 116 -3.80 -17.52 -26.77
N ASN B 117 -2.99 -16.68 -27.39
CA ASN B 117 -1.62 -16.51 -26.96
C ASN B 117 -1.55 -15.92 -25.55
N PHE B 118 -2.49 -15.02 -25.23
CA PHE B 118 -2.42 -14.31 -23.99
C PHE B 118 -2.55 -15.28 -22.81
N TRP B 119 -3.60 -16.12 -22.83
CA TRP B 119 -3.81 -17.05 -21.73
C TRP B 119 -2.79 -18.19 -21.78
N ARG B 120 -2.33 -18.60 -22.97
CA ARG B 120 -1.26 -19.58 -23.06
C ARG B 120 -0.01 -19.00 -22.37
N THR B 121 0.25 -17.71 -22.62
CA THR B 121 1.44 -17.06 -22.09
C THR B 121 1.35 -16.91 -20.56
N MET B 122 0.19 -16.58 -19.99
CA MET B 122 0.03 -16.48 -18.54
C MET B 122 0.44 -17.83 -17.88
N ASP B 123 -0.02 -18.95 -18.46
CA ASP B 123 0.28 -20.26 -17.94
C ASP B 123 1.78 -20.59 -18.12
N ASP B 124 2.36 -20.25 -19.27
CA ASP B 124 3.78 -20.52 -19.52
C ASP B 124 4.63 -19.76 -18.48
N MET B 125 4.28 -18.50 -18.23
CA MET B 125 5.04 -17.69 -17.33
C MET B 125 4.93 -18.28 -15.94
N GLY B 126 3.73 -18.74 -15.60
CA GLY B 126 3.43 -19.33 -14.29
C GLY B 126 4.26 -20.57 -13.95
N ARG B 127 4.56 -21.36 -14.97
CA ARG B 127 5.34 -22.59 -14.79
C ARG B 127 6.77 -22.28 -14.30
N GLU B 128 7.21 -21.01 -14.34
CA GLU B 128 8.54 -20.63 -13.86
C GLU B 128 8.46 -19.94 -12.49
N ILE B 129 7.27 -19.98 -11.86
CA ILE B 129 7.08 -19.32 -10.56
C ILE B 129 6.78 -20.36 -9.49
N PRO B 130 7.71 -20.59 -8.54
CA PRO B 130 7.45 -21.55 -7.46
C PRO B 130 6.33 -21.04 -6.55
N SER B 131 5.39 -21.93 -6.26
CA SER B 131 4.20 -21.67 -5.45
C SER B 131 4.59 -21.16 -4.07
N ASP B 132 5.61 -21.76 -3.46
CA ASP B 132 5.99 -21.45 -2.07
C ASP B 132 7.05 -20.34 -2.02
N ALA B 133 7.45 -19.82 -3.18
CA ALA B 133 8.50 -18.80 -3.21
C ALA B 133 8.50 -18.09 -4.57
N PRO B 134 7.48 -17.27 -4.89
CA PRO B 134 7.45 -16.55 -6.16
C PRO B 134 8.62 -15.58 -6.40
N TRP B 135 9.23 -15.06 -5.34
CA TRP B 135 10.41 -14.18 -5.43
C TRP B 135 11.62 -14.93 -6.01
N LYS B 136 11.54 -16.26 -6.13
CA LYS B 136 12.62 -17.10 -6.66
C LYS B 136 12.40 -17.42 -8.14
N ALA B 137 11.32 -16.91 -8.74
CA ALA B 137 11.18 -16.97 -10.20
C ALA B 137 12.42 -16.40 -10.90
N PRO B 138 12.90 -17.03 -12.00
CA PRO B 138 14.09 -16.55 -12.71
C PRO B 138 13.96 -15.06 -13.08
N LEU B 139 12.78 -14.62 -13.49
CA LEU B 139 12.61 -13.22 -13.87
C LEU B 139 11.79 -12.47 -12.82
N ALA B 140 11.99 -12.80 -11.54
CA ALA B 140 11.17 -12.26 -10.47
C ALA B 140 11.19 -10.72 -10.49
N GLU B 141 12.36 -10.09 -10.56
CA GLU B 141 12.41 -8.61 -10.38
C GLU B 141 11.77 -7.91 -11.58
N GLU B 142 12.17 -8.34 -12.78
CA GLU B 142 11.61 -7.85 -14.01
C GLU B 142 10.07 -7.88 -13.95
N TRP B 143 9.49 -9.02 -13.58
CA TRP B 143 8.05 -9.21 -13.59
C TRP B 143 7.40 -8.45 -12.43
N ASP B 144 8.10 -8.32 -11.29
CA ASP B 144 7.54 -7.64 -10.11
C ASP B 144 7.50 -6.09 -10.29
N ASN B 145 8.30 -5.58 -11.22
CA ASN B 145 8.52 -4.14 -11.40
C ASN B 145 7.64 -3.61 -12.54
N MET B 146 6.78 -4.47 -13.04
CA MET B 146 5.76 -4.20 -14.04
C MET B 146 4.38 -4.36 -13.39
N THR B 147 3.41 -3.53 -13.74
CA THR B 147 2.03 -3.82 -13.41
C THR B 147 1.47 -4.79 -14.46
N MET B 148 0.31 -5.37 -14.16
CA MET B 148 -0.39 -6.22 -15.11
C MET B 148 -0.85 -5.38 -16.32
N LYS B 149 -1.07 -4.07 -16.13
CA LYS B 149 -1.42 -3.21 -17.25
C LYS B 149 -0.29 -3.19 -18.28
N GLU B 150 0.96 -3.02 -17.83
CA GLU B 150 2.12 -3.04 -18.71
C GLU B 150 2.27 -4.39 -19.43
N LEU B 151 2.23 -5.50 -18.69
CA LEU B 151 2.31 -6.78 -19.31
C LEU B 151 1.25 -6.90 -20.42
N LEU B 152 -0.01 -6.49 -20.15
CA LEU B 152 -1.11 -6.70 -21.09
C LEU B 152 -0.94 -5.79 -22.31
N ASP B 153 -0.46 -4.56 -22.10
CA ASP B 153 -0.12 -3.66 -23.19
C ASP B 153 1.00 -4.24 -24.06
N LYS B 154 1.98 -4.93 -23.48
CA LYS B 154 3.08 -5.54 -24.28
C LYS B 154 2.55 -6.75 -25.09
N LEU B 155 1.62 -7.50 -24.50
CA LEU B 155 1.29 -8.84 -24.93
C LEU B 155 0.09 -8.86 -25.89
N CYS B 156 -0.87 -7.97 -25.67
CA CYS B 156 -2.09 -7.93 -26.43
C CYS B 156 -1.99 -6.95 -27.59
N TRP B 157 -2.13 -7.50 -28.81
CA TRP B 157 -2.04 -6.76 -30.07
C TRP B 157 -3.43 -6.22 -30.50
N THR B 158 -4.51 -6.75 -29.93
CA THR B 158 -5.90 -6.37 -30.26
C THR B 158 -6.56 -5.80 -29.01
N GLU B 159 -7.36 -4.74 -29.19
CA GLU B 159 -8.09 -4.10 -28.08
C GLU B 159 -9.00 -5.12 -27.41
N SER B 160 -9.60 -5.99 -28.22
CA SER B 160 -10.60 -6.92 -27.75
C SER B 160 -9.99 -8.00 -26.85
N ALA B 161 -8.78 -8.49 -27.14
CA ALA B 161 -8.15 -9.44 -26.22
C ALA B 161 -7.75 -8.70 -24.93
N LYS B 162 -7.39 -7.42 -25.06
CA LYS B 162 -6.89 -6.68 -23.92
C LYS B 162 -8.05 -6.41 -22.94
N GLN B 163 -9.25 -6.16 -23.46
CA GLN B 163 -10.45 -5.96 -22.64
C GLN B 163 -10.82 -7.26 -21.90
N LEU B 164 -10.77 -8.39 -22.59
CA LEU B 164 -11.03 -9.71 -21.98
C LEU B 164 -10.00 -10.02 -20.87
N ALA B 165 -8.73 -9.70 -21.11
CA ALA B 165 -7.68 -10.02 -20.18
C ALA B 165 -7.80 -9.12 -18.94
N THR B 166 -8.25 -7.88 -19.15
CA THR B 166 -8.45 -6.90 -18.10
C THR B 166 -9.63 -7.34 -17.22
N LEU B 167 -10.71 -7.81 -17.86
CA LEU B 167 -11.83 -8.31 -17.13
C LEU B 167 -11.37 -9.50 -16.26
N PHE B 168 -10.49 -10.35 -16.82
CA PHE B 168 -9.98 -11.54 -16.14
C PHE B 168 -9.25 -11.14 -14.83
N VAL B 169 -8.41 -10.11 -14.91
CA VAL B 169 -7.64 -9.61 -13.77
C VAL B 169 -8.63 -9.01 -12.75
N ASN B 170 -9.56 -8.19 -13.23
CA ASN B 170 -10.46 -7.51 -12.33
C ASN B 170 -11.27 -8.52 -11.51
N LEU B 171 -11.67 -9.63 -12.13
CA LEU B 171 -12.57 -10.62 -11.54
C LEU B 171 -11.85 -11.55 -10.55
N CYS B 172 -10.60 -11.89 -10.87
CA CYS B 172 -9.78 -12.78 -10.08
C CYS B 172 -9.34 -12.09 -8.79
N VAL B 173 -8.98 -10.79 -8.83
CA VAL B 173 -8.27 -10.15 -7.69
C VAL B 173 -8.89 -8.79 -7.30
N THR B 174 -10.07 -8.45 -7.85
CA THR B 174 -10.87 -7.27 -7.45
C THR B 174 -10.02 -5.99 -7.41
N ALA B 175 -9.11 -5.86 -8.37
CA ALA B 175 -8.18 -4.76 -8.47
C ALA B 175 -7.95 -4.46 -9.96
N GLU B 176 -7.55 -3.20 -10.21
CA GLU B 176 -7.27 -2.75 -11.56
C GLU B 176 -5.93 -3.35 -11.99
N THR B 177 -5.79 -3.58 -13.30
CA THR B 177 -4.55 -4.05 -13.88
C THR B 177 -3.38 -3.13 -13.51
N HIS B 178 -3.60 -1.82 -13.41
CA HIS B 178 -2.49 -0.89 -13.17
C HIS B 178 -2.06 -0.88 -11.69
N GLU B 179 -2.86 -1.49 -10.83
CA GLU B 179 -2.64 -1.47 -9.38
C GLU B 179 -1.70 -2.61 -8.96
N VAL B 180 -1.72 -3.75 -9.68
CA VAL B 180 -1.08 -5.00 -9.21
C VAL B 180 0.21 -5.30 -9.99
N SER B 181 1.19 -5.83 -9.26
CA SER B 181 2.38 -6.55 -9.79
C SER B 181 2.02 -7.68 -10.76
N ALA B 182 2.72 -7.74 -11.88
CA ALA B 182 2.58 -8.84 -12.81
C ALA B 182 3.08 -10.13 -12.18
N LEU B 183 4.20 -10.06 -11.46
CA LEU B 183 4.75 -11.26 -10.80
C LEU B 183 3.69 -11.83 -9.84
N TRP B 184 3.12 -10.94 -9.02
CA TRP B 184 2.17 -11.37 -8.05
C TRP B 184 0.95 -12.02 -8.74
N PHE B 185 0.38 -11.33 -9.70
CA PHE B 185 -0.81 -11.84 -10.37
C PHE B 185 -0.53 -13.20 -11.03
N LEU B 186 0.63 -13.35 -11.64
CA LEU B 186 0.96 -14.59 -12.36
C LEU B 186 1.18 -15.75 -11.36
N TRP B 187 1.76 -15.43 -10.20
CA TRP B 187 1.84 -16.38 -9.11
C TRP B 187 0.43 -16.76 -8.66
N TYR B 188 -0.44 -15.75 -8.49
CA TYR B 188 -1.79 -15.98 -7.96
C TYR B 188 -2.56 -17.01 -8.79
N VAL B 189 -2.49 -16.91 -10.12
CA VAL B 189 -3.22 -17.76 -11.07
C VAL B 189 -2.62 -19.19 -11.04
N LYS B 190 -1.30 -19.23 -11.09
CA LYS B 190 -0.55 -20.45 -11.09
C LYS B 190 -0.79 -21.29 -9.83
N GLN B 191 -0.78 -20.64 -8.65
CA GLN B 191 -1.00 -21.33 -7.37
C GLN B 191 -2.48 -21.72 -7.15
N CYS B 192 -3.40 -21.30 -8.02
CA CYS B 192 -4.76 -21.88 -8.08
C CYS B 192 -4.85 -22.98 -9.14
N GLY B 193 -3.75 -23.34 -9.80
CA GLY B 193 -3.74 -24.42 -10.83
C GLY B 193 -3.92 -23.89 -12.26
N GLY B 194 -3.83 -22.56 -12.45
CA GLY B 194 -3.76 -21.99 -13.80
C GLY B 194 -5.06 -21.36 -14.25
N THR B 195 -5.04 -20.78 -15.46
CA THR B 195 -6.12 -19.95 -15.96
C THR B 195 -7.43 -20.74 -15.98
N THR B 196 -7.41 -21.94 -16.56
CA THR B 196 -8.65 -22.70 -16.76
C THR B 196 -9.29 -23.02 -15.41
N ARG B 197 -8.49 -23.57 -14.51
CA ARG B 197 -8.98 -23.94 -13.18
C ARG B 197 -9.53 -22.71 -12.44
N ILE B 198 -8.87 -21.55 -12.54
CA ILE B 198 -9.32 -20.38 -11.72
C ILE B 198 -10.65 -19.80 -12.25
N ILE B 199 -10.91 -19.88 -13.57
CA ILE B 199 -12.07 -19.14 -14.21
C ILE B 199 -13.32 -20.03 -14.26
N SER B 200 -13.12 -21.34 -14.19
CA SER B 200 -14.17 -22.33 -14.49
C SER B 200 -15.11 -22.54 -13.30
N THR B 201 -16.40 -22.66 -13.61
CA THR B 201 -17.44 -23.21 -12.73
C THR B 201 -17.31 -24.75 -12.75
N THR B 202 -17.78 -25.40 -13.82
CA THR B 202 -17.56 -26.86 -14.00
C THR B 202 -16.06 -27.11 -14.01
N ASN B 203 -15.59 -28.00 -13.10
CA ASN B 203 -14.22 -28.46 -13.01
C ASN B 203 -13.27 -27.33 -12.60
N GLY B 204 -13.79 -26.31 -11.91
CA GLY B 204 -12.94 -25.19 -11.47
C GLY B 204 -13.33 -24.65 -10.12
N GLY B 205 -12.81 -23.48 -9.80
CA GLY B 205 -13.00 -22.85 -8.50
C GLY B 205 -14.44 -22.48 -8.15
N GLN B 206 -15.32 -22.29 -9.13
CA GLN B 206 -16.70 -21.87 -8.80
C GLN B 206 -17.69 -23.02 -8.99
N GLU B 207 -17.23 -24.26 -9.00
CA GLU B 207 -18.08 -25.41 -9.24
C GLU B 207 -19.21 -25.56 -8.20
N ARG B 208 -18.92 -25.28 -6.93
CA ARG B 208 -19.79 -25.70 -5.84
C ARG B 208 -19.94 -24.65 -4.74
N LYS B 209 -21.10 -24.77 -4.06
CA LYS B 209 -21.43 -24.05 -2.85
C LYS B 209 -21.77 -25.03 -1.73
N PHE B 210 -21.66 -24.57 -0.47
CA PHE B 210 -22.12 -25.36 0.69
C PHE B 210 -23.64 -25.14 0.91
N VAL B 211 -24.36 -26.25 1.11
CA VAL B 211 -25.75 -26.20 1.55
C VAL B 211 -25.80 -25.51 2.92
N GLY B 212 -26.54 -24.40 2.99
CA GLY B 212 -26.70 -23.66 4.23
C GLY B 212 -25.70 -22.53 4.39
N GLY B 213 -24.73 -22.41 3.47
CA GLY B 213 -23.75 -21.30 3.46
C GLY B 213 -22.41 -21.68 4.05
N SER B 214 -21.36 -20.97 3.61
CA SER B 214 -19.98 -21.23 4.01
C SER B 214 -19.69 -20.73 5.44
N GLY B 215 -20.50 -19.77 5.92
CA GLY B 215 -20.34 -19.26 7.29
C GLY B 215 -20.45 -20.35 8.34
N GLN B 216 -21.04 -21.49 7.98
CA GLN B 216 -21.21 -22.65 8.87
C GLN B 216 -19.88 -23.32 9.18
N VAL B 217 -18.87 -23.15 8.32
CA VAL B 217 -17.56 -23.66 8.64
C VAL B 217 -17.07 -22.99 9.94
N SER B 218 -16.98 -21.66 9.95
CA SER B 218 -16.49 -20.98 11.13
C SER B 218 -17.45 -21.19 12.33
N GLU B 219 -18.75 -21.12 12.09
CA GLU B 219 -19.77 -21.24 13.16
C GLU B 219 -19.67 -22.63 13.81
N ARG B 220 -19.51 -23.68 13.02
CA ARG B 220 -19.50 -25.00 13.59
C ARG B 220 -18.20 -25.24 14.37
N ILE B 221 -17.07 -24.65 13.96
CA ILE B 221 -15.86 -24.80 14.74
C ILE B 221 -16.02 -24.03 16.05
N MET B 222 -16.62 -22.85 15.99
CA MET B 222 -16.92 -22.13 17.21
C MET B 222 -17.76 -23.01 18.16
N ASP B 223 -18.70 -23.77 17.60
CA ASP B 223 -19.60 -24.66 18.37
C ASP B 223 -18.72 -25.70 19.09
N LEU B 224 -17.73 -26.27 18.38
CA LEU B 224 -16.76 -27.20 18.95
C LEU B 224 -15.94 -26.57 20.08
N LEU B 225 -15.52 -25.32 19.94
CA LEU B 225 -14.56 -24.83 20.89
C LEU B 225 -15.25 -24.19 22.11
N GLY B 226 -16.57 -24.03 22.07
CA GLY B 226 -17.39 -23.46 23.15
C GLY B 226 -16.94 -22.06 23.55
N ASP B 227 -16.62 -21.90 24.84
CA ASP B 227 -16.32 -20.61 25.44
C ASP B 227 -14.86 -20.18 25.19
N ARG B 228 -14.10 -21.00 24.45
CA ARG B 228 -12.72 -20.69 24.11
C ARG B 228 -12.64 -19.57 23.05
N VAL B 229 -13.75 -19.30 22.34
CA VAL B 229 -13.83 -18.23 21.37
C VAL B 229 -14.38 -16.94 22.01
N LYS B 230 -13.62 -15.85 21.96
CA LYS B 230 -14.03 -14.59 22.55
C LYS B 230 -14.37 -13.58 21.45
N LEU B 231 -15.66 -13.27 21.34
CA LEU B 231 -16.18 -12.34 20.36
C LEU B 231 -16.08 -10.92 20.92
N GLU B 232 -15.93 -9.95 20.02
CA GLU B 232 -15.72 -8.51 20.36
C GLU B 232 -14.52 -8.34 21.28
N ARG B 233 -13.43 -9.07 20.96
CA ARG B 233 -12.13 -8.94 21.58
C ARG B 233 -11.11 -8.55 20.52
N PRO B 234 -11.10 -7.29 20.03
CA PRO B 234 -10.07 -6.86 19.11
C PRO B 234 -8.73 -6.82 19.88
N VAL B 235 -7.71 -7.47 19.33
CA VAL B 235 -6.37 -7.39 19.87
C VAL B 235 -5.78 -6.04 19.50
N ILE B 236 -5.19 -5.38 20.51
CA ILE B 236 -4.54 -4.05 20.35
C ILE B 236 -3.04 -4.09 20.65
N TYR B 237 -2.55 -5.11 21.32
CA TYR B 237 -1.25 -5.07 21.94
C TYR B 237 -0.78 -6.49 22.18
N ILE B 238 0.43 -6.79 21.70
CA ILE B 238 1.06 -8.06 21.93
C ILE B 238 2.48 -7.79 22.46
N ASP B 239 2.78 -8.30 23.66
CA ASP B 239 4.06 -8.06 24.34
C ASP B 239 4.82 -9.39 24.44
N GLN B 240 6.03 -9.44 23.87
CA GLN B 240 6.86 -10.65 23.87
C GLN B 240 8.15 -10.47 24.68
N THR B 241 8.27 -9.42 25.50
CA THR B 241 9.52 -9.15 26.24
C THR B 241 9.72 -10.18 27.38
N ARG B 242 8.62 -10.75 27.90
CA ARG B 242 8.62 -11.60 29.11
C ARG B 242 8.57 -13.09 28.75
N GLU B 243 8.44 -13.91 29.79
CA GLU B 243 8.52 -15.39 29.79
C GLU B 243 7.42 -16.00 28.91
N ASN B 244 6.19 -15.53 29.12
CA ASN B 244 5.02 -15.89 28.33
C ASN B 244 4.64 -14.69 27.48
N VAL B 245 3.89 -14.93 26.39
CA VAL B 245 3.42 -13.87 25.50
C VAL B 245 2.17 -13.26 26.14
N LEU B 246 2.07 -11.92 26.15
CA LEU B 246 0.90 -11.24 26.68
C LEU B 246 0.14 -10.61 25.51
N VAL B 247 -1.16 -10.91 25.40
CA VAL B 247 -2.03 -10.37 24.37
C VAL B 247 -3.15 -9.59 25.05
N GLU B 248 -3.25 -8.30 24.72
CA GLU B 248 -4.26 -7.44 25.28
C GLU B 248 -5.33 -7.08 24.22
N THR B 249 -6.59 -7.07 24.66
CA THR B 249 -7.72 -6.65 23.86
C THR B 249 -8.17 -5.23 24.24
N LEU B 250 -8.96 -4.64 23.34
CA LEU B 250 -9.49 -3.29 23.43
C LEU B 250 -10.46 -3.15 24.62
N ASN B 251 -11.19 -4.23 24.92
CA ASN B 251 -12.11 -4.29 26.05
C ASN B 251 -11.35 -4.62 27.35
N HIS B 252 -10.01 -4.50 27.35
CA HIS B 252 -9.15 -4.44 28.55
C HIS B 252 -8.78 -5.81 29.14
N GLU B 253 -9.06 -6.91 28.44
CA GLU B 253 -8.66 -8.22 28.90
C GLU B 253 -7.20 -8.48 28.51
N MET B 254 -6.56 -9.38 29.24
CA MET B 254 -5.19 -9.81 29.09
C MET B 254 -5.18 -11.34 28.95
N TYR B 255 -4.50 -11.84 27.92
CA TYR B 255 -4.36 -13.24 27.66
C TYR B 255 -2.86 -13.54 27.62
N GLU B 256 -2.49 -14.65 28.23
CA GLU B 256 -1.12 -15.04 28.38
C GLU B 256 -0.98 -16.42 27.77
N ALA B 257 0.06 -16.60 26.95
CA ALA B 257 0.20 -17.82 26.22
C ALA B 257 1.67 -18.11 25.93
N LYS B 258 1.94 -19.34 25.55
CA LYS B 258 3.27 -19.71 25.10
C LYS B 258 3.45 -19.24 23.65
N TYR B 259 2.39 -19.28 22.84
CA TYR B 259 2.48 -18.93 21.42
C TYR B 259 1.20 -18.22 20.96
N VAL B 260 1.36 -17.48 19.85
CA VAL B 260 0.31 -16.76 19.20
C VAL B 260 0.29 -17.12 17.72
N ILE B 261 -0.91 -17.31 17.18
CA ILE B 261 -1.15 -17.39 15.76
C ILE B 261 -1.90 -16.12 15.37
N SER B 262 -1.30 -15.36 14.45
CA SER B 262 -1.94 -14.23 13.84
C SER B 262 -2.65 -14.73 12.56
N ALA B 263 -3.98 -14.78 12.62
CA ALA B 263 -4.77 -15.31 11.50
C ALA B 263 -5.61 -14.18 10.90
N ILE B 264 -4.98 -13.03 10.68
CA ILE B 264 -5.62 -11.85 10.15
C ILE B 264 -4.92 -11.45 8.86
N PRO B 265 -5.58 -10.72 7.95
CA PRO B 265 -4.91 -10.15 6.77
C PRO B 265 -3.68 -9.35 7.18
N PRO B 266 -2.56 -9.47 6.42
CA PRO B 266 -1.30 -8.85 6.82
C PRO B 266 -1.41 -7.38 7.24
N THR B 267 -2.13 -6.57 6.47
CA THR B 267 -2.19 -5.13 6.73
C THR B 267 -2.94 -4.86 8.06
N LEU B 268 -3.83 -5.77 8.48
CA LEU B 268 -4.54 -5.58 9.75
C LEU B 268 -3.64 -5.85 10.96
N GLY B 269 -2.45 -6.40 10.73
CA GLY B 269 -1.36 -6.38 11.71
C GLY B 269 -1.05 -4.97 12.20
N MET B 270 -1.32 -3.97 11.37
CA MET B 270 -1.08 -2.57 11.74
C MET B 270 -1.94 -2.16 12.95
N LYS B 271 -3.11 -2.79 13.13
CA LYS B 271 -4.02 -2.41 14.21
C LYS B 271 -3.50 -2.87 15.59
N ILE B 272 -2.35 -3.57 15.62
CA ILE B 272 -1.74 -4.11 16.83
C ILE B 272 -0.43 -3.35 17.13
N HIS B 273 -0.26 -2.94 18.40
CA HIS B 273 0.97 -2.34 18.93
C HIS B 273 1.82 -3.47 19.49
N PHE B 274 3.08 -3.56 19.04
CA PHE B 274 3.96 -4.64 19.41
C PHE B 274 5.11 -4.13 20.29
N ASN B 275 5.43 -4.96 21.27
CA ASN B 275 6.56 -4.78 22.13
C ASN B 275 7.25 -6.14 22.24
N PRO B 276 8.51 -6.29 21.77
CA PRO B 276 9.27 -5.24 21.11
C PRO B 276 8.71 -4.92 19.72
N PRO B 277 9.08 -3.78 19.10
CA PRO B 277 8.60 -3.44 17.76
C PRO B 277 8.88 -4.61 16.80
N LEU B 278 8.08 -4.71 15.74
CA LEU B 278 8.32 -5.72 14.72
C LEU B 278 9.68 -5.49 14.08
N PRO B 279 10.36 -6.53 13.54
CA PRO B 279 11.56 -6.31 12.75
C PRO B 279 11.19 -5.43 11.53
N MET B 280 12.21 -4.80 10.95
CA MET B 280 12.08 -3.79 9.93
C MET B 280 11.23 -4.26 8.71
N MET B 281 11.49 -5.45 8.18
CA MET B 281 10.87 -5.89 6.96
C MET B 281 9.37 -6.09 7.16
N ARG B 282 8.95 -6.67 8.28
CA ARG B 282 7.51 -6.85 8.53
C ARG B 282 6.86 -5.49 8.86
N ASN B 283 7.58 -4.59 9.53
CA ASN B 283 7.07 -3.27 9.94
C ASN B 283 6.66 -2.50 8.69
N GLN B 284 7.45 -2.59 7.63
CA GLN B 284 7.11 -1.93 6.36
C GLN B 284 6.14 -2.79 5.52
N MET B 285 6.30 -4.11 5.48
CA MET B 285 5.49 -4.98 4.61
C MET B 285 3.99 -4.74 4.85
N ILE B 286 3.61 -4.64 6.12
CA ILE B 286 2.21 -4.54 6.53
C ILE B 286 1.61 -3.16 6.17
N THR B 287 2.40 -2.21 5.67
CA THR B 287 1.86 -0.97 5.14
C THR B 287 1.73 -1.02 3.62
N ARG B 288 2.09 -2.14 2.97
CA ARG B 288 2.29 -2.19 1.52
C ARG B 288 1.38 -3.19 0.79
N VAL B 289 0.37 -3.74 1.47
CA VAL B 289 -0.36 -4.94 1.04
C VAL B 289 -1.85 -4.72 1.24
N PRO B 290 -2.50 -3.89 0.41
CA PRO B 290 -3.93 -3.68 0.52
C PRO B 290 -4.79 -4.87 0.08
N LEU B 291 -6.09 -4.79 0.38
CA LEU B 291 -7.07 -5.71 -0.19
C LEU B 291 -7.88 -4.97 -1.25
N GLY B 292 -8.40 -5.75 -2.20
CA GLY B 292 -9.25 -5.26 -3.27
C GLY B 292 -10.60 -4.75 -2.80
N SER B 293 -11.41 -4.35 -3.77
CA SER B 293 -12.58 -3.62 -3.57
C SER B 293 -13.72 -4.32 -4.30
N VAL B 294 -14.80 -4.63 -3.58
CA VAL B 294 -15.91 -5.37 -4.14
C VAL B 294 -17.16 -5.17 -3.28
N ILE B 295 -18.28 -5.02 -3.99
CA ILE B 295 -19.61 -5.14 -3.43
C ILE B 295 -20.22 -6.42 -4.00
N LYS B 296 -20.57 -7.37 -3.15
CA LYS B 296 -21.29 -8.53 -3.60
C LYS B 296 -22.80 -8.24 -3.48
N CYS B 297 -23.52 -8.50 -4.57
CA CYS B 297 -24.89 -8.14 -4.82
C CYS B 297 -25.68 -9.36 -5.31
N ILE B 298 -26.85 -9.62 -4.71
CA ILE B 298 -27.75 -10.72 -5.03
C ILE B 298 -29.15 -10.14 -5.21
N VAL B 299 -29.68 -10.25 -6.43
CA VAL B 299 -31.03 -9.90 -6.81
C VAL B 299 -31.84 -11.20 -6.88
N TYR B 300 -32.99 -11.19 -6.18
CA TYR B 300 -33.91 -12.32 -6.11
C TYR B 300 -35.08 -12.11 -7.07
N TYR B 301 -35.54 -13.23 -7.64
CA TYR B 301 -36.66 -13.24 -8.55
C TYR B 301 -37.58 -14.41 -8.21
N LYS B 302 -38.78 -14.35 -8.77
CA LYS B 302 -39.84 -15.31 -8.50
C LYS B 302 -39.41 -16.68 -9.07
N GLU B 303 -38.73 -16.70 -10.21
CA GLU B 303 -38.30 -17.93 -10.86
C GLU B 303 -36.97 -17.71 -11.57
N PRO B 304 -36.19 -18.77 -11.84
CA PRO B 304 -34.95 -18.64 -12.61
C PRO B 304 -35.28 -18.51 -14.10
N PHE B 305 -35.87 -17.36 -14.48
CA PHE B 305 -36.45 -17.13 -15.81
C PHE B 305 -35.41 -17.25 -16.93
N TRP B 306 -34.14 -16.98 -16.62
CA TRP B 306 -33.06 -17.12 -17.60
C TRP B 306 -32.94 -18.54 -18.18
N ARG B 307 -33.19 -19.56 -17.36
CA ARG B 307 -33.09 -20.97 -17.80
C ARG B 307 -34.09 -21.29 -18.93
N LYS B 308 -35.24 -20.62 -18.96
CA LYS B 308 -36.24 -20.77 -20.05
C LYS B 308 -35.66 -20.36 -21.41
N LYS B 309 -34.73 -19.40 -21.43
CA LYS B 309 -34.09 -18.94 -22.65
C LYS B 309 -32.78 -19.70 -22.90
N ASP B 310 -32.56 -20.80 -22.17
CA ASP B 310 -31.35 -21.59 -22.28
C ASP B 310 -30.10 -20.76 -21.92
N TYR B 311 -30.23 -19.91 -20.89
CA TYR B 311 -29.11 -19.27 -20.24
C TYR B 311 -28.93 -19.87 -18.84
N CYS B 312 -27.68 -20.10 -18.42
CA CYS B 312 -27.43 -20.64 -17.07
C CYS B 312 -27.47 -19.54 -16.00
N GLY B 313 -27.27 -18.26 -16.37
CA GLY B 313 -27.24 -17.17 -15.40
C GLY B 313 -25.87 -16.54 -15.28
N THR B 314 -24.86 -17.21 -15.85
CA THR B 314 -23.51 -16.64 -15.95
C THR B 314 -23.47 -15.57 -17.05
N MET B 315 -23.02 -14.38 -16.66
CA MET B 315 -22.84 -13.26 -17.54
C MET B 315 -21.43 -12.70 -17.34
N ILE B 316 -20.65 -12.62 -18.43
CA ILE B 316 -19.39 -11.88 -18.49
C ILE B 316 -19.63 -10.59 -19.27
N ILE B 317 -19.46 -9.45 -18.59
CA ILE B 317 -20.02 -8.21 -19.08
C ILE B 317 -18.92 -7.16 -19.22
N ASP B 318 -18.68 -6.78 -20.48
CA ASP B 318 -17.59 -5.86 -20.84
C ASP B 318 -18.08 -4.42 -20.73
N GLY B 319 -17.18 -3.49 -20.40
CA GLY B 319 -17.43 -2.07 -20.61
C GLY B 319 -17.64 -1.29 -19.31
N GLU B 320 -17.44 0.02 -19.42
CA GLU B 320 -17.30 0.95 -18.31
C GLU B 320 -18.66 1.25 -17.66
N GLU B 321 -19.72 1.11 -18.46
CA GLU B 321 -21.05 1.60 -18.13
C GLU B 321 -21.82 0.57 -17.28
N ALA B 322 -21.48 -0.72 -17.46
CA ALA B 322 -22.06 -1.82 -16.69
C ALA B 322 -21.54 -1.81 -15.24
N PRO B 323 -22.38 -1.74 -14.21
CA PRO B 323 -21.87 -1.75 -12.84
C PRO B 323 -21.27 -3.11 -12.42
N VAL B 324 -21.73 -4.19 -13.05
CA VAL B 324 -21.40 -5.54 -12.69
C VAL B 324 -20.69 -6.19 -13.88
N ALA B 325 -19.53 -6.81 -13.65
CA ALA B 325 -18.79 -7.43 -14.77
C ALA B 325 -19.01 -8.93 -14.85
N TYR B 326 -19.56 -9.53 -13.77
CA TYR B 326 -19.66 -10.98 -13.68
C TYR B 326 -20.80 -11.39 -12.75
N THR B 327 -21.51 -12.46 -13.17
CA THR B 327 -22.62 -13.01 -12.44
C THR B 327 -22.65 -14.54 -12.56
N LEU B 328 -23.33 -15.15 -11.57
CA LEU B 328 -23.63 -16.56 -11.51
C LEU B 328 -25.07 -16.73 -11.01
N ASP B 329 -25.72 -17.81 -11.43
CA ASP B 329 -26.97 -18.24 -10.91
C ASP B 329 -26.78 -18.54 -9.42
N ASP B 330 -27.57 -17.91 -8.55
CA ASP B 330 -27.45 -18.17 -7.10
C ASP B 330 -28.73 -18.85 -6.59
N THR B 331 -29.53 -19.42 -7.50
CA THR B 331 -30.72 -20.23 -7.13
C THR B 331 -30.30 -21.41 -6.23
N LYS B 332 -31.16 -21.80 -5.29
CA LYS B 332 -30.90 -22.94 -4.38
C LYS B 332 -31.01 -24.23 -5.19
N PRO B 333 -30.46 -25.35 -4.69
CA PRO B 333 -30.48 -26.62 -5.42
C PRO B 333 -31.87 -27.05 -5.87
N GLU B 334 -32.90 -26.62 -5.12
CA GLU B 334 -34.27 -27.07 -5.26
C GLU B 334 -35.00 -26.27 -6.34
N GLY B 335 -34.36 -25.24 -6.90
CA GLY B 335 -34.95 -24.44 -8.00
C GLY B 335 -35.67 -23.22 -7.47
N ASN B 336 -35.56 -22.98 -6.17
CA ASN B 336 -36.34 -21.94 -5.54
C ASN B 336 -35.37 -20.91 -4.95
N TYR B 337 -35.90 -19.82 -4.38
CA TYR B 337 -35.17 -18.62 -4.08
C TYR B 337 -34.28 -18.23 -5.28
N ALA B 338 -34.89 -18.09 -6.47
CA ALA B 338 -34.20 -17.74 -7.69
C ALA B 338 -33.43 -16.41 -7.51
N ALA B 339 -32.19 -16.40 -8.00
CA ALA B 339 -31.35 -15.26 -7.75
C ALA B 339 -30.18 -15.24 -8.72
N ILE B 340 -29.72 -14.01 -8.98
CA ILE B 340 -28.49 -13.74 -9.70
C ILE B 340 -27.51 -13.08 -8.73
N MET B 341 -26.32 -13.65 -8.64
CA MET B 341 -25.21 -13.07 -7.87
C MET B 341 -24.34 -12.27 -8.84
N GLY B 342 -23.98 -11.04 -8.45
CA GLY B 342 -23.11 -10.19 -9.24
C GLY B 342 -22.10 -9.45 -8.39
N PHE B 343 -20.94 -9.14 -8.99
CA PHE B 343 -19.87 -8.41 -8.34
C PHE B 343 -19.74 -7.03 -8.95
N ILE B 344 -19.71 -6.01 -8.10
CA ILE B 344 -19.29 -4.67 -8.49
C ILE B 344 -17.84 -4.52 -8.05
N LEU B 345 -16.92 -4.44 -9.00
CA LEU B 345 -15.47 -4.68 -8.79
C LEU B 345 -14.67 -3.39 -8.89
N ALA B 346 -13.67 -3.29 -8.01
CA ALA B 346 -12.52 -2.39 -8.17
C ALA B 346 -13.04 -0.94 -8.26
N HIS B 347 -12.71 -0.19 -9.31
CA HIS B 347 -13.02 1.23 -9.31
C HIS B 347 -14.54 1.45 -9.36
N LYS B 348 -15.31 0.45 -9.82
CA LYS B 348 -16.75 0.63 -9.87
C LYS B 348 -17.34 0.50 -8.47
N ALA B 349 -16.63 -0.22 -7.59
CA ALA B 349 -17.06 -0.29 -6.24
C ALA B 349 -16.94 1.07 -5.57
N ARG B 350 -15.81 1.74 -5.76
CA ARG B 350 -15.59 3.08 -5.16
C ARG B 350 -16.66 4.02 -5.70
N LYS B 351 -16.95 3.91 -6.99
CA LYS B 351 -17.84 4.82 -7.71
C LYS B 351 -19.29 4.70 -7.20
N LEU B 352 -19.81 3.48 -7.14
CA LEU B 352 -21.25 3.23 -6.94
C LEU B 352 -21.60 3.06 -5.45
N ALA B 353 -20.59 3.10 -4.58
CA ALA B 353 -20.83 2.97 -3.13
C ALA B 353 -21.59 4.18 -2.59
N ARG B 354 -21.39 5.35 -3.21
CA ARG B 354 -22.11 6.60 -2.96
C ARG B 354 -23.64 6.44 -3.06
N LEU B 355 -24.11 5.51 -3.92
CA LEU B 355 -25.52 5.42 -4.22
C LEU B 355 -26.23 4.77 -3.03
N THR B 356 -27.55 4.95 -2.95
CA THR B 356 -28.37 4.18 -2.02
C THR B 356 -28.54 2.75 -2.54
N LYS B 357 -29.00 1.88 -1.65
CA LYS B 357 -29.23 0.46 -1.89
C LYS B 357 -30.23 0.30 -3.04
N GLU B 358 -31.30 1.09 -3.03
CA GLU B 358 -32.37 1.09 -4.06
C GLU B 358 -31.81 1.54 -5.43
N GLU B 359 -30.91 2.53 -5.44
CA GLU B 359 -30.29 2.97 -6.66
C GLU B 359 -29.41 1.88 -7.27
N ARG B 360 -28.69 1.10 -6.44
CA ARG B 360 -27.84 0.06 -7.00
C ARG B 360 -28.75 -1.03 -7.61
N LEU B 361 -29.85 -1.35 -6.92
CA LEU B 361 -30.79 -2.39 -7.36
C LEU B 361 -31.33 -2.05 -8.75
N LYS B 362 -31.82 -0.81 -8.91
CA LYS B 362 -32.33 -0.33 -10.20
C LYS B 362 -31.29 -0.55 -11.31
N LYS B 363 -30.05 -0.11 -11.09
CA LYS B 363 -28.98 -0.21 -12.11
C LYS B 363 -28.69 -1.67 -12.50
N LEU B 364 -28.66 -2.58 -11.52
CA LEU B 364 -28.38 -4.01 -11.74
C LEU B 364 -29.51 -4.67 -12.54
N CYS B 365 -30.75 -4.36 -12.14
CA CYS B 365 -31.92 -4.87 -12.78
C CYS B 365 -32.00 -4.43 -14.25
N GLU B 366 -31.69 -3.16 -14.51
CA GLU B 366 -31.69 -2.66 -15.86
C GLU B 366 -30.59 -3.31 -16.68
N LEU B 367 -29.41 -3.52 -16.08
CA LEU B 367 -28.33 -4.22 -16.78
C LEU B 367 -28.73 -5.68 -17.08
N TYR B 368 -29.29 -6.36 -16.10
CA TYR B 368 -29.55 -7.77 -16.31
C TYR B 368 -30.67 -7.93 -17.36
N ALA B 369 -31.60 -6.98 -17.39
CA ALA B 369 -32.68 -6.98 -18.37
C ALA B 369 -32.09 -6.96 -19.79
N LYS B 370 -31.02 -6.15 -19.95
CA LYS B 370 -30.39 -5.96 -21.23
C LYS B 370 -29.57 -7.20 -21.58
N VAL B 371 -28.78 -7.69 -20.63
CA VAL B 371 -27.88 -8.80 -20.94
C VAL B 371 -28.70 -10.07 -21.19
N LEU B 372 -29.68 -10.34 -20.33
CA LEU B 372 -30.46 -11.57 -20.43
C LEU B 372 -31.60 -11.42 -21.43
N GLY B 373 -31.89 -10.17 -21.82
CA GLY B 373 -32.90 -9.87 -22.80
C GLY B 373 -34.30 -10.20 -22.32
N SER B 374 -34.62 -9.87 -21.05
CA SER B 374 -35.92 -10.22 -20.43
C SER B 374 -36.39 -9.07 -19.55
N LEU B 375 -37.65 -8.70 -19.72
CA LEU B 375 -38.30 -7.77 -18.82
C LEU B 375 -38.47 -8.38 -17.43
N GLU B 376 -38.39 -9.70 -17.32
CA GLU B 376 -38.53 -10.36 -16.02
C GLU B 376 -37.47 -9.82 -15.06
N ALA B 377 -36.31 -9.41 -15.57
CA ALA B 377 -35.23 -8.91 -14.75
C ALA B 377 -35.57 -7.59 -14.04
N LEU B 378 -36.64 -6.90 -14.46
CA LEU B 378 -37.04 -5.60 -13.92
C LEU B 378 -37.91 -5.75 -12.69
N GLU B 379 -38.21 -7.00 -12.31
CA GLU B 379 -39.26 -7.36 -11.30
C GLU B 379 -38.62 -8.12 -10.15
N PRO B 380 -37.60 -7.57 -9.46
CA PRO B 380 -36.96 -8.28 -8.35
C PRO B 380 -37.92 -8.39 -7.17
N VAL B 381 -37.83 -9.47 -6.39
CA VAL B 381 -38.66 -9.64 -5.18
C VAL B 381 -37.87 -9.32 -3.91
N HIS B 382 -36.54 -9.22 -4.01
CA HIS B 382 -35.66 -8.96 -2.88
C HIS B 382 -34.25 -8.66 -3.39
N TYR B 383 -33.45 -8.04 -2.52
CA TYR B 383 -32.12 -7.63 -2.80
C TYR B 383 -31.28 -7.73 -1.53
N GLU B 384 -30.06 -8.29 -1.64
CA GLU B 384 -29.05 -8.24 -0.60
C GLU B 384 -27.70 -7.88 -1.21
N GLU B 385 -26.89 -7.15 -0.43
CA GLU B 385 -25.60 -6.73 -0.88
C GLU B 385 -24.69 -6.54 0.33
N LYS B 386 -23.37 -6.66 0.12
CA LYS B 386 -22.41 -6.25 1.09
C LYS B 386 -21.20 -5.61 0.41
N ASN B 387 -20.86 -4.42 0.91
CA ASN B 387 -19.68 -3.67 0.49
C ASN B 387 -18.53 -4.01 1.44
N TRP B 388 -17.55 -4.77 0.96
CA TRP B 388 -16.50 -5.22 1.85
C TRP B 388 -15.41 -4.17 2.11
N CYS B 389 -15.42 -3.08 1.33
CA CYS B 389 -14.48 -1.96 1.48
C CYS B 389 -14.68 -1.21 2.80
N GLU B 390 -15.86 -1.32 3.41
CA GLU B 390 -16.17 -0.49 4.56
C GLU B 390 -15.88 -1.22 5.89
N GLU B 391 -15.44 -2.49 5.79
CA GLU B 391 -15.16 -3.36 6.94
C GLU B 391 -13.80 -3.04 7.58
N GLN B 392 -13.83 -2.56 8.82
CA GLN B 392 -12.61 -2.22 9.57
C GLN B 392 -11.73 -3.47 9.81
N TYR B 393 -12.33 -4.65 10.00
CA TYR B 393 -11.53 -5.82 10.37
C TYR B 393 -11.38 -6.82 9.20
N SER B 394 -11.69 -6.39 7.97
CA SER B 394 -11.29 -7.15 6.72
C SER B 394 -10.37 -6.30 5.85
N GLY B 395 -10.74 -5.02 5.61
CA GLY B 395 -9.97 -4.07 4.77
C GLY B 395 -10.36 -4.11 3.29
N GLY B 396 -11.13 -5.12 2.87
CA GLY B 396 -11.62 -5.30 1.52
C GLY B 396 -11.84 -6.78 1.23
N CYS B 397 -11.99 -7.12 -0.05
CA CYS B 397 -12.15 -8.49 -0.50
C CYS B 397 -11.78 -8.57 -1.96
N TYR B 398 -11.42 -9.75 -2.48
CA TYR B 398 -11.42 -11.02 -1.79
C TYR B 398 -10.19 -11.22 -0.89
N THR B 399 -9.05 -10.66 -1.33
CA THR B 399 -7.80 -10.93 -0.71
C THR B 399 -6.85 -9.74 -0.85
N THR B 400 -5.64 -9.94 -0.32
CA THR B 400 -4.53 -9.02 -0.37
C THR B 400 -3.89 -9.08 -1.76
N TYR B 401 -3.69 -7.93 -2.40
CA TYR B 401 -2.94 -7.84 -3.63
C TYR B 401 -1.60 -7.16 -3.33
N PHE B 402 -0.60 -7.48 -4.16
CA PHE B 402 0.73 -6.86 -4.06
C PHE B 402 0.93 -5.86 -5.19
N PRO B 403 1.14 -4.56 -4.88
CA PRO B 403 1.53 -3.59 -5.90
C PRO B 403 2.93 -3.86 -6.41
N PRO B 404 3.33 -3.22 -7.53
CA PRO B 404 4.64 -3.46 -8.12
C PRO B 404 5.77 -3.15 -7.13
N GLY B 405 6.73 -4.08 -7.09
CA GLY B 405 7.94 -3.97 -6.34
C GLY B 405 7.91 -4.67 -4.97
N ILE B 406 6.73 -5.06 -4.50
CA ILE B 406 6.57 -5.37 -3.09
C ILE B 406 6.84 -6.87 -2.83
N LEU B 407 6.33 -7.74 -3.69
CA LEU B 407 6.42 -9.16 -3.43
C LEU B 407 7.89 -9.60 -3.40
N THR B 408 8.74 -9.09 -4.31
CA THR B 408 10.20 -9.49 -4.27
C THR B 408 10.90 -8.89 -3.05
N GLN B 409 10.53 -7.67 -2.65
CA GLN B 409 11.24 -6.98 -1.55
C GLN B 409 10.77 -7.47 -0.18
N TYR B 410 9.49 -7.84 -0.03
CA TYR B 410 8.91 -8.06 1.28
C TYR B 410 8.26 -9.44 1.40
N GLY B 411 8.13 -10.16 0.30
CA GLY B 411 7.27 -11.34 0.26
C GLY B 411 7.77 -12.48 1.14
N ARG B 412 9.08 -12.57 1.27
CA ARG B 412 9.77 -13.53 2.11
C ARG B 412 9.25 -13.49 3.56
N VAL B 413 8.75 -12.35 4.03
CA VAL B 413 8.53 -12.20 5.47
C VAL B 413 7.09 -12.58 5.82
N LEU B 414 6.22 -12.75 4.82
CA LEU B 414 4.78 -13.05 5.04
C LEU B 414 4.54 -14.14 6.09
N ARG B 415 5.19 -15.31 5.96
CA ARG B 415 4.99 -16.39 6.93
C ARG B 415 6.18 -16.59 7.89
N GLN B 416 7.14 -15.67 7.88
CA GLN B 416 8.24 -15.81 8.78
C GLN B 416 7.76 -15.53 10.20
N PRO B 417 7.93 -16.51 11.12
CA PRO B 417 7.67 -16.32 12.53
C PRO B 417 8.40 -15.10 13.12
N VAL B 418 7.72 -14.36 13.98
CA VAL B 418 8.33 -13.30 14.78
C VAL B 418 8.35 -13.77 16.22
N ASP B 419 9.47 -14.40 16.61
CA ASP B 419 9.69 -14.93 17.95
C ASP B 419 8.64 -16.02 18.17
N ARG B 420 7.57 -15.74 18.93
CA ARG B 420 6.56 -16.75 19.31
C ARG B 420 5.23 -16.48 18.58
N ILE B 421 5.26 -15.59 17.57
CA ILE B 421 4.09 -15.30 16.71
C ILE B 421 4.28 -16.01 15.38
N TYR B 422 3.35 -16.88 15.05
CA TYR B 422 3.30 -17.57 13.77
C TYR B 422 2.16 -16.96 12.97
N PHE B 423 2.25 -17.05 11.62
CA PHE B 423 1.34 -16.33 10.75
C PHE B 423 0.52 -17.28 9.90
N ALA B 424 -0.80 -17.10 10.03
CA ALA B 424 -1.76 -17.81 9.26
C ALA B 424 -2.49 -16.79 8.37
N GLY B 425 -3.73 -17.09 7.99
CA GLY B 425 -4.45 -16.31 7.03
C GLY B 425 -4.23 -16.84 5.64
N THR B 426 -5.25 -16.75 4.79
CA THR B 426 -5.20 -17.27 3.42
C THR B 426 -4.00 -16.71 2.63
N GLU B 427 -3.57 -15.49 2.98
CA GLU B 427 -2.50 -14.79 2.29
C GLU B 427 -1.17 -15.53 2.41
N THR B 428 -1.01 -16.39 3.43
CA THR B 428 0.22 -17.13 3.65
C THR B 428 0.17 -18.54 3.05
N ALA B 429 -0.92 -18.93 2.41
CA ALA B 429 -1.02 -20.26 1.80
C ALA B 429 -0.21 -20.33 0.51
N THR B 430 0.02 -21.54 0.03
CA THR B 430 0.77 -21.77 -1.19
C THR B 430 -0.08 -22.44 -2.28
N HIS B 431 -1.32 -22.81 -1.95
CA HIS B 431 -2.26 -23.36 -2.92
C HIS B 431 -3.63 -22.74 -2.59
N TRP B 432 -4.25 -22.09 -3.57
CA TRP B 432 -5.48 -21.36 -3.41
C TRP B 432 -5.37 -20.31 -2.30
N SER B 433 -4.19 -19.72 -2.15
CA SER B 433 -4.10 -18.52 -1.39
C SER B 433 -5.13 -17.53 -1.90
N GLY B 434 -5.82 -16.89 -0.96
CA GLY B 434 -6.87 -15.90 -1.22
C GLY B 434 -8.26 -16.49 -1.11
N TYR B 435 -8.34 -17.82 -1.06
CA TYR B 435 -9.57 -18.60 -0.97
C TYR B 435 -9.72 -19.22 0.43
N MET B 436 -10.93 -19.70 0.72
CA MET B 436 -11.21 -20.44 1.92
C MET B 436 -10.27 -21.65 2.02
N GLU B 437 -10.00 -22.29 0.88
CA GLU B 437 -9.04 -23.42 0.86
C GLU B 437 -7.66 -23.00 1.42
N GLY B 438 -7.15 -21.85 0.96
CA GLY B 438 -5.88 -21.30 1.45
C GLY B 438 -5.91 -21.02 2.95
N ALA B 439 -7.07 -20.58 3.45
CA ALA B 439 -7.23 -20.25 4.83
C ALA B 439 -7.02 -21.50 5.69
N VAL B 440 -7.57 -22.63 5.22
CA VAL B 440 -7.43 -23.91 5.90
C VAL B 440 -5.97 -24.37 5.85
N GLU B 441 -5.37 -24.38 4.67
CA GLU B 441 -3.97 -24.76 4.52
C GLU B 441 -3.09 -23.98 5.52
N ALA B 442 -3.27 -22.67 5.61
CA ALA B 442 -2.38 -21.80 6.32
C ALA B 442 -2.60 -21.90 7.84
N GLY B 443 -3.87 -21.97 8.27
CA GLY B 443 -4.21 -22.20 9.69
C GLY B 443 -3.63 -23.51 10.23
N GLU B 444 -3.80 -24.59 9.48
CA GLU B 444 -3.33 -25.90 9.92
C GLU B 444 -1.81 -25.96 9.89
N ARG B 445 -1.18 -25.34 8.87
CA ARG B 445 0.27 -25.28 8.77
C ARG B 445 0.84 -24.46 9.94
N ALA B 446 0.22 -23.34 10.31
CA ALA B 446 0.80 -22.50 11.37
C ALA B 446 0.66 -23.21 12.71
N ALA B 447 -0.47 -23.90 12.89
CA ALA B 447 -0.74 -24.75 14.05
C ALA B 447 0.37 -25.82 14.20
N ARG B 448 0.64 -26.54 13.13
CA ARG B 448 1.67 -27.58 13.15
C ARG B 448 3.07 -27.00 13.30
N GLU B 449 3.33 -25.75 12.88
CA GLU B 449 4.65 -25.08 13.16
C GLU B 449 4.83 -24.96 14.66
N ILE B 450 3.73 -24.67 15.37
CA ILE B 450 3.76 -24.53 16.82
C ILE B 450 3.87 -25.92 17.50
N LEU B 451 3.16 -26.93 17.01
CA LEU B 451 3.37 -28.30 17.52
C LEU B 451 4.84 -28.72 17.39
N HIS B 452 5.48 -28.33 16.29
CA HIS B 452 6.90 -28.60 16.07
C HIS B 452 7.77 -27.80 17.06
N ALA B 453 7.48 -26.53 17.26
CA ALA B 453 8.25 -25.69 18.23
C ALA B 453 8.16 -26.28 19.66
N MET B 454 7.06 -26.97 19.96
CA MET B 454 6.82 -27.58 21.25
C MET B 454 7.41 -29.01 21.33
N GLY B 455 8.01 -29.53 20.25
CA GLY B 455 8.66 -30.83 20.26
C GLY B 455 7.70 -31.99 19.99
N LYS B 456 6.42 -31.68 19.71
CA LYS B 456 5.36 -32.70 19.59
C LYS B 456 5.36 -33.38 18.21
N ILE B 457 5.89 -32.74 17.17
CA ILE B 457 5.92 -33.40 15.85
C ILE B 457 7.24 -33.07 15.18
N PRO B 458 7.70 -33.93 14.24
CA PRO B 458 8.92 -33.65 13.47
C PRO B 458 8.68 -32.60 12.37
N GLU B 459 9.76 -31.96 11.92
CA GLU B 459 9.76 -30.85 10.95
C GLU B 459 9.01 -31.24 9.66
N ASP B 460 9.15 -32.49 9.25
CA ASP B 460 8.62 -32.97 7.95
C ASP B 460 7.10 -33.11 7.98
N GLU B 461 6.47 -32.96 9.15
CA GLU B 461 5.00 -33.01 9.31
C GLU B 461 4.41 -31.59 9.42
N ILE B 462 5.21 -30.52 9.24
CA ILE B 462 4.68 -29.12 9.31
C ILE B 462 3.80 -28.87 8.07
N TRP B 463 4.28 -29.31 6.91
CA TRP B 463 3.53 -29.26 5.66
C TRP B 463 3.02 -30.65 5.33
N GLN B 464 1.70 -30.77 5.17
CA GLN B 464 1.04 -32.04 5.00
C GLN B 464 0.23 -32.04 3.70
N SER B 465 0.40 -33.08 2.88
CA SER B 465 -0.38 -33.25 1.69
C SER B 465 -1.81 -33.64 2.12
N GLU B 466 -2.77 -33.56 1.19
CA GLU B 466 -4.20 -33.77 1.48
C GLU B 466 -4.76 -34.75 0.48
N PRO B 467 -5.44 -35.84 0.88
CA PRO B 467 -6.02 -36.74 -0.12
C PRO B 467 -7.17 -36.06 -0.89
N GLU B 468 -7.35 -36.45 -2.15
CA GLU B 468 -8.40 -35.94 -3.01
C GLU B 468 -9.79 -36.29 -2.45
N SER B 469 -10.66 -35.30 -2.36
CA SER B 469 -12.10 -35.45 -2.04
C SER B 469 -12.77 -36.48 -2.96
N VAL B 470 -13.43 -37.50 -2.38
CA VAL B 470 -14.13 -38.52 -3.23
C VAL B 470 -15.37 -37.87 -3.89
N ASP B 471 -15.96 -36.88 -3.20
CA ASP B 471 -17.19 -36.20 -3.59
C ASP B 471 -16.99 -35.18 -4.73
N VAL B 472 -15.81 -34.53 -4.76
CA VAL B 472 -15.51 -33.47 -5.70
C VAL B 472 -14.16 -33.80 -6.32
N PRO B 473 -14.07 -34.86 -7.16
CA PRO B 473 -12.82 -35.18 -7.83
C PRO B 473 -12.46 -34.15 -8.92
N ALA B 474 -11.16 -33.99 -9.13
CA ALA B 474 -10.61 -33.14 -10.18
C ALA B 474 -10.49 -33.96 -11.48
N GLN B 475 -10.96 -33.40 -12.59
CA GLN B 475 -10.67 -33.87 -13.90
C GLN B 475 -9.44 -33.10 -14.42
N PRO B 476 -8.64 -33.71 -15.32
CA PRO B 476 -7.50 -33.02 -15.92
C PRO B 476 -7.91 -31.69 -16.59
N ILE B 477 -7.04 -30.70 -16.53
CA ILE B 477 -7.09 -29.54 -17.41
C ILE B 477 -6.44 -29.97 -18.73
N THR B 478 -7.16 -29.79 -19.84
CA THR B 478 -6.62 -30.15 -21.15
C THR B 478 -6.59 -28.92 -22.05
N THR B 479 -5.67 -28.94 -23.02
CA THR B 479 -5.61 -28.01 -24.15
C THR B 479 -5.73 -28.79 -25.47
N THR B 480 -6.15 -28.12 -26.54
CA THR B 480 -6.13 -28.72 -27.88
C THR B 480 -4.76 -28.45 -28.52
N PHE B 481 -4.47 -29.21 -29.57
CA PHE B 481 -3.26 -29.06 -30.38
C PHE B 481 -3.12 -27.63 -30.93
N LEU B 482 -4.20 -27.08 -31.49
CA LEU B 482 -4.23 -25.74 -32.03
C LEU B 482 -4.00 -24.70 -30.92
N GLU B 483 -4.59 -24.91 -29.74
CA GLU B 483 -4.37 -23.96 -28.62
C GLU B 483 -2.87 -23.87 -28.28
N ARG B 484 -2.18 -25.02 -28.26
CA ARG B 484 -0.77 -25.12 -27.87
C ARG B 484 0.19 -24.56 -28.94
N HIS B 485 -0.13 -24.70 -30.24
CA HIS B 485 0.88 -24.40 -31.31
C HIS B 485 0.44 -23.29 -32.26
N LEU B 486 -0.76 -22.73 -32.16
CA LEU B 486 -1.05 -21.62 -33.00
C LEU B 486 -0.09 -20.50 -32.62
N PRO B 487 0.38 -19.71 -33.60
CA PRO B 487 1.30 -18.61 -33.33
C PRO B 487 0.58 -17.42 -32.69
N SER B 488 1.34 -16.55 -32.01
CA SER B 488 0.87 -15.24 -31.60
C SER B 488 0.69 -14.32 -32.82
N VAL B 489 0.19 -13.09 -32.60
CA VAL B 489 0.12 -12.08 -33.66
C VAL B 489 1.53 -11.72 -34.14
N PRO B 490 2.50 -11.29 -33.29
CA PRO B 490 3.86 -11.05 -33.76
C PRO B 490 4.46 -12.29 -34.43
N GLY B 491 4.11 -13.49 -33.97
CA GLY B 491 4.60 -14.75 -34.54
C GLY B 491 4.12 -14.95 -35.99
N LEU B 492 2.86 -14.62 -36.23
CA LEU B 492 2.28 -14.69 -37.57
C LEU B 492 2.98 -13.68 -38.48
N LEU B 493 3.27 -12.47 -37.96
CA LEU B 493 3.92 -11.39 -38.69
C LEU B 493 5.34 -11.79 -39.11
N ARG B 494 6.13 -12.33 -38.17
CA ARG B 494 7.49 -12.83 -38.43
C ARG B 494 7.46 -13.85 -39.58
N LEU B 495 6.41 -14.68 -39.66
CA LEU B 495 6.24 -15.67 -40.76
C LEU B 495 5.76 -15.00 -42.07
N ILE B 496 5.94 -13.69 -42.24
CA ILE B 496 5.39 -12.91 -43.38
C ILE B 496 6.33 -11.76 -43.78
#